data_9GU5
#
_entry.id   9GU5
#
_cell.length_a   69.182
_cell.length_b   69.212
_cell.length_c   73.193
_cell.angle_alpha   63.54
_cell.angle_beta   89.30
_cell.angle_gamma   60.04
#
_symmetry.space_group_name_H-M   'P 1'
#
loop_
_entity.id
_entity.type
_entity.pdbx_description
1 polymer 'RNA-binding protein Hfq'
2 polymer "RNA (5'-R(P*AP*AP*AP*A)-3')"
3 non-polymer 'MAGNESIUM ION'
4 water water
#
loop_
_entity_poly.entity_id
_entity_poly.type
_entity_poly.pdbx_seq_one_letter_code
_entity_poly.pdbx_strand_id
1 'polypeptide(L)'
;MAKGQSLQDPFLNALRRERVPASIYLVNGIKLQGQIESFDQFVILLKNTVSQMVYKHAISTVVPSRPVSHHSNNAGGGTS
SNYHHGSSAQNTSAQQDSEETE
;
A,B,C,D,E,F,G,H,I,J,K,L
2 'polyribonucleotide' AAAA M
#
# COMPACT_ATOMS: atom_id res chain seq x y z
N GLY A 4 7.78 43.03 5.93
CA GLY A 4 7.49 41.75 6.56
C GLY A 4 6.19 41.68 7.34
N GLN A 5 5.26 40.86 6.84
CA GLN A 5 3.92 40.76 7.40
C GLN A 5 3.38 39.36 7.19
N SER A 6 2.48 38.95 8.07
CA SER A 6 1.93 37.58 8.04
C SER A 6 0.89 37.48 9.14
N LEU A 7 0.18 36.34 9.16
CA LEU A 7 -0.68 35.96 10.28
C LEU A 7 -0.20 34.72 11.00
N GLN A 8 1.01 34.24 10.72
CA GLN A 8 1.44 32.94 11.26
C GLN A 8 2.21 33.15 12.56
N ASP A 9 3.33 33.86 12.49
CA ASP A 9 4.02 34.25 13.73
C ASP A 9 3.11 34.97 14.72
N PRO A 10 2.36 36.00 14.30
CA PRO A 10 1.47 36.70 15.21
C PRO A 10 0.58 35.71 15.99
N PHE A 11 -0.26 34.95 15.30
CA PHE A 11 -1.19 34.00 15.93
C PHE A 11 -0.42 33.14 16.91
N LEU A 12 0.78 32.67 16.54
CA LEU A 12 1.53 31.70 17.38
C LEU A 12 2.18 32.41 18.55
N ASN A 13 2.98 33.45 18.31
CA ASN A 13 3.69 34.18 19.37
C ASN A 13 2.67 34.67 20.39
N ALA A 14 1.40 34.75 20.00
CA ALA A 14 0.31 35.15 20.91
C ALA A 14 0.06 34.01 21.89
N LEU A 15 -0.36 32.85 21.38
CA LEU A 15 -0.66 31.67 22.24
C LEU A 15 0.60 31.29 23.02
N ARG A 16 1.74 31.90 22.72
CA ARG A 16 2.99 31.70 23.49
C ARG A 16 2.99 32.70 24.64
N ARG A 17 2.90 33.99 24.34
CA ARG A 17 2.94 35.06 25.36
C ARG A 17 1.83 34.80 26.38
N GLU A 18 0.57 34.92 25.98
CA GLU A 18 -0.57 34.76 26.91
C GLU A 18 -0.69 33.27 27.28
N ARG A 19 0.27 32.44 26.89
CA ARG A 19 0.31 31.02 27.29
C ARG A 19 -1.10 30.43 27.39
N VAL A 20 -1.82 30.36 26.28
CA VAL A 20 -3.16 29.73 26.24
C VAL A 20 -2.94 28.25 25.90
N PRO A 21 -3.60 27.31 26.58
CA PRO A 21 -3.51 25.92 26.20
C PRO A 21 -4.01 25.78 24.76
N ALA A 22 -3.24 25.15 23.86
CA ALA A 22 -3.60 24.98 22.44
C ALA A 22 -3.79 23.51 22.06
N SER A 23 -4.43 23.24 20.93
CA SER A 23 -4.62 21.87 20.37
C SER A 23 -4.13 21.86 18.92
N ILE A 24 -2.95 21.30 18.65
CA ILE A 24 -2.39 21.21 17.27
C ILE A 24 -2.93 19.94 16.63
N TYR A 25 -3.75 20.05 15.58
CA TYR A 25 -4.31 18.88 14.86
C TYR A 25 -3.33 18.51 13.74
N LEU A 26 -3.08 17.22 13.54
CA LEU A 26 -2.11 16.73 12.53
C LEU A 26 -2.85 16.32 11.26
N VAL A 27 -2.16 16.24 10.13
CA VAL A 27 -2.78 15.90 8.81
C VAL A 27 -3.10 14.40 8.78
N ASN A 28 -2.83 13.67 9.87
CA ASN A 28 -3.11 12.22 9.98
C ASN A 28 -4.24 12.00 10.98
N GLY A 29 -4.74 13.06 11.61
CA GLY A 29 -5.89 12.96 12.54
C GLY A 29 -5.47 12.72 13.97
N ILE A 30 -4.27 13.16 14.37
CA ILE A 30 -3.78 13.01 15.72
C ILE A 30 -3.91 14.35 16.35
N LYS A 31 -4.30 14.38 17.63
CA LYS A 31 -4.42 15.65 18.39
C LYS A 31 -3.26 15.79 19.37
N LEU A 32 -2.25 16.60 19.05
CA LEU A 32 -1.11 16.88 19.96
C LEU A 32 -1.42 18.16 20.73
N GLN A 33 -1.86 18.07 21.99
CA GLN A 33 -2.27 19.25 22.80
C GLN A 33 -1.19 19.61 23.82
N GLY A 34 -0.74 20.87 23.83
CA GLY A 34 0.28 21.35 24.78
C GLY A 34 0.32 22.86 24.86
N GLN A 35 1.51 23.46 24.94
CA GLN A 35 1.70 24.93 25.03
C GLN A 35 2.82 25.34 24.08
N ILE A 36 2.69 26.43 23.35
CA ILE A 36 3.70 26.84 22.32
C ILE A 36 4.89 27.48 23.03
N GLU A 37 5.87 26.69 23.40
CA GLU A 37 7.12 27.18 24.04
C GLU A 37 7.79 28.15 23.05
N SER A 38 8.00 27.73 21.81
CA SER A 38 8.60 28.58 20.75
C SER A 38 8.28 27.98 19.38
N PHE A 39 8.69 28.66 18.31
CA PHE A 39 8.47 28.19 16.92
C PHE A 39 9.50 28.86 16.00
N ASP A 40 9.73 28.31 14.82
CA ASP A 40 10.65 28.90 13.82
C ASP A 40 9.90 28.97 12.50
N GLN A 41 10.48 28.47 11.41
CA GLN A 41 9.86 28.52 10.06
C GLN A 41 9.40 27.13 9.65
N PHE A 42 9.78 26.09 10.39
CA PHE A 42 9.46 24.68 10.04
C PHE A 42 8.84 23.92 11.21
N VAL A 43 9.09 24.30 12.46
CA VAL A 43 8.61 23.52 13.64
C VAL A 43 8.05 24.42 14.75
N ILE A 44 7.16 23.89 15.58
CA ILE A 44 6.61 24.59 16.77
C ILE A 44 6.79 23.61 17.94
N LEU A 45 7.59 23.97 18.96
CA LEU A 45 7.92 23.06 20.09
C LEU A 45 6.77 23.06 21.09
N LEU A 46 5.80 22.17 20.91
CA LEU A 46 4.62 22.09 21.81
C LEU A 46 5.06 21.40 23.11
N LYS A 47 5.01 22.11 24.23
CA LYS A 47 5.50 21.59 25.54
C LYS A 47 4.34 21.05 26.36
N ASN A 48 4.58 19.98 27.12
CA ASN A 48 3.56 19.38 28.02
C ASN A 48 4.34 18.65 29.12
N THR A 49 4.34 17.32 29.15
CA THR A 49 5.18 16.52 30.10
C THR A 49 6.61 16.56 29.58
N VAL A 50 6.79 16.39 28.26
CA VAL A 50 8.12 16.51 27.59
C VAL A 50 7.94 17.49 26.42
N SER A 51 8.93 18.33 26.14
CA SER A 51 8.88 19.28 25.00
C SER A 51 9.14 18.53 23.70
N GLN A 52 8.14 18.44 22.83
CA GLN A 52 8.27 17.73 21.52
C GLN A 52 8.35 18.75 20.39
N MET A 53 9.18 18.51 19.38
CA MET A 53 9.30 19.39 18.19
C MET A 53 8.29 18.91 17.14
N VAL A 54 7.31 19.74 16.79
CA VAL A 54 6.26 19.38 15.79
C VAL A 54 6.61 20.06 14.47
N TYR A 55 6.82 19.30 13.40
CA TYR A 55 7.09 19.85 12.05
C TYR A 55 5.77 20.44 11.54
N LYS A 56 5.78 21.68 11.06
CA LYS A 56 4.55 22.38 10.63
C LYS A 56 3.98 21.72 9.37
N HIS A 57 4.75 20.87 8.69
CA HIS A 57 4.30 20.25 7.42
C HIS A 57 3.39 19.06 7.72
N ALA A 58 2.96 18.90 8.97
CA ALA A 58 2.04 17.81 9.37
C ALA A 58 0.90 18.40 10.21
N ILE A 59 0.78 19.73 10.24
CA ILE A 59 -0.23 20.43 11.07
C ILE A 59 -1.40 20.87 10.20
N SER A 60 -2.60 20.36 10.48
CA SER A 60 -3.83 20.76 9.75
C SER A 60 -4.24 22.13 10.29
N THR A 61 -4.78 22.18 11.51
CA THR A 61 -5.21 23.44 12.15
C THR A 61 -4.75 23.47 13.61
N VAL A 62 -4.41 24.65 14.13
CA VAL A 62 -4.07 24.84 15.57
C VAL A 62 -5.19 25.66 16.22
N VAL A 63 -6.11 25.00 16.93
CA VAL A 63 -7.28 25.64 17.57
C VAL A 63 -6.94 26.03 19.02
N PRO A 64 -6.95 27.33 19.40
CA PRO A 64 -6.70 27.71 20.79
C PRO A 64 -7.85 27.26 21.69
N SER A 65 -7.58 26.95 22.96
CA SER A 65 -8.59 26.42 23.92
C SER A 65 -9.44 27.58 24.44
N ARG A 66 -8.95 28.80 24.29
CA ARG A 66 -9.67 30.02 24.73
C ARG A 66 -9.22 31.14 23.79
N PRO A 67 -10.11 32.06 23.38
CA PRO A 67 -9.72 33.19 22.54
C PRO A 67 -8.47 33.92 23.05
N VAL A 68 -7.62 34.39 22.15
CA VAL A 68 -6.33 35.07 22.52
C VAL A 68 -6.36 36.50 22.02
N SER A 69 -6.32 37.49 22.92
CA SER A 69 -6.34 38.93 22.56
C SER A 69 -5.34 39.19 21.43
N LYS B 3 23.39 23.51 7.67
CA LYS B 3 23.88 24.80 7.23
C LYS B 3 25.10 24.62 6.34
N GLY B 4 25.31 23.39 5.85
CA GLY B 4 26.45 23.11 4.99
C GLY B 4 27.04 21.71 5.06
N GLN B 5 26.20 20.70 4.92
CA GLN B 5 26.64 19.32 4.84
C GLN B 5 25.48 18.50 4.29
N SER B 6 25.81 17.49 3.49
CA SER B 6 24.79 16.66 2.83
C SER B 6 25.04 15.19 3.15
N LEU B 7 24.43 14.71 4.24
CA LEU B 7 24.50 13.31 4.61
C LEU B 7 23.69 12.42 3.68
N GLN B 8 22.98 12.99 2.72
CA GLN B 8 22.09 12.17 1.92
C GLN B 8 22.85 11.48 0.79
N ASP B 9 23.84 12.17 0.20
CA ASP B 9 24.64 11.57 -0.87
C ASP B 9 25.57 10.47 -0.35
N PRO B 10 26.42 10.70 0.68
CA PRO B 10 26.99 9.56 1.42
C PRO B 10 26.02 8.42 1.63
N PHE B 11 25.22 8.44 2.66
CA PHE B 11 24.42 7.26 3.03
C PHE B 11 24.04 6.31 1.90
N LEU B 12 23.48 6.84 0.82
CA LEU B 12 22.95 6.01 -0.26
C LEU B 12 24.05 5.50 -1.19
N ASN B 13 25.05 6.35 -1.41
CA ASN B 13 26.24 5.99 -2.17
C ASN B 13 26.99 4.85 -1.49
N ALA B 14 27.15 4.92 -0.19
CA ALA B 14 27.82 3.85 0.57
C ALA B 14 27.00 2.56 0.50
N LEU B 15 25.70 2.64 0.27
CA LEU B 15 24.82 1.45 0.18
C LEU B 15 24.87 0.92 -1.25
N ARG B 16 25.66 1.55 -2.11
CA ARG B 16 25.81 1.12 -3.53
C ARG B 16 27.22 0.59 -3.74
N ARG B 17 28.25 1.37 -3.45
CA ARG B 17 29.66 0.94 -3.57
C ARG B 17 29.80 -0.39 -2.81
N GLU B 18 29.14 -0.53 -1.66
CA GLU B 18 29.22 -1.77 -0.84
C GLU B 18 28.10 -2.69 -1.30
N ARG B 19 27.15 -2.18 -2.06
CA ARG B 19 26.06 -3.00 -2.65
C ARG B 19 25.25 -3.65 -1.54
N VAL B 20 24.98 -2.92 -0.46
CA VAL B 20 24.21 -3.45 0.70
C VAL B 20 22.73 -3.35 0.38
N PRO B 21 21.93 -4.42 0.55
CA PRO B 21 20.50 -4.32 0.35
C PRO B 21 19.82 -3.29 1.24
N ALA B 22 19.06 -2.33 0.70
CA ALA B 22 18.23 -1.39 1.47
C ALA B 22 16.80 -1.91 1.48
N SER B 23 16.12 -1.77 2.59
CA SER B 23 14.67 -1.63 2.51
C SER B 23 14.28 -0.16 2.25
N ILE B 24 13.10 0.12 1.74
CA ILE B 24 12.63 1.51 1.48
C ILE B 24 11.22 1.56 2.05
N TYR B 25 10.89 2.55 2.85
CA TYR B 25 9.56 2.62 3.48
C TYR B 25 8.85 3.79 2.80
N LEU B 26 7.57 3.63 2.48
CA LEU B 26 6.79 4.68 1.79
C LEU B 26 5.82 5.27 2.81
N VAL B 27 5.49 6.55 2.69
CA VAL B 27 4.59 7.26 3.65
C VAL B 27 3.24 6.53 3.70
N ASN B 28 2.97 5.60 2.77
CA ASN B 28 1.71 4.82 2.74
C ASN B 28 1.88 3.54 3.55
N GLY B 29 3.11 3.23 3.97
CA GLY B 29 3.40 2.03 4.79
C GLY B 29 3.83 0.88 3.90
N ILE B 30 4.52 1.16 2.80
CA ILE B 30 4.89 0.15 1.82
C ILE B 30 6.39 -0.12 1.95
N LYS B 31 6.75 -1.37 1.76
CA LYS B 31 8.13 -1.82 1.81
C LYS B 31 8.62 -2.07 0.40
N LEU B 32 9.58 -1.28 -0.07
CA LEU B 32 10.23 -1.50 -1.39
C LEU B 32 11.67 -1.97 -1.11
N GLN B 33 11.93 -3.28 -1.19
CA GLN B 33 13.29 -3.84 -0.92
C GLN B 33 14.00 -4.07 -2.26
N GLY B 34 15.25 -3.63 -2.38
CA GLY B 34 16.01 -3.77 -3.64
C GLY B 34 17.44 -3.26 -3.51
N GLN B 35 18.06 -2.83 -4.60
CA GLN B 35 19.47 -2.39 -4.62
C GLN B 35 19.60 -0.96 -5.17
N ILE B 36 20.18 -0.06 -4.40
CA ILE B 36 20.31 1.34 -4.77
C ILE B 36 21.15 1.33 -6.03
N GLU B 37 20.55 1.61 -7.18
CA GLU B 37 21.39 1.66 -8.35
C GLU B 37 21.93 3.06 -8.59
N SER B 38 21.11 4.07 -8.36
CA SER B 38 21.53 5.49 -8.53
C SER B 38 20.49 6.41 -7.90
N PHE B 39 20.87 7.63 -7.56
CA PHE B 39 19.98 8.62 -6.91
C PHE B 39 20.28 10.01 -7.45
N ASP B 40 19.27 10.87 -7.59
CA ASP B 40 19.47 12.28 -8.02
C ASP B 40 19.05 13.14 -6.83
N GLN B 41 18.26 14.20 -7.04
CA GLN B 41 17.84 15.12 -5.95
C GLN B 41 16.38 14.84 -5.60
N PHE B 42 15.66 14.06 -6.41
CA PHE B 42 14.21 13.82 -6.22
C PHE B 42 13.88 12.33 -6.19
N VAL B 43 14.63 11.48 -6.88
CA VAL B 43 14.31 10.03 -6.99
C VAL B 43 15.53 9.15 -6.70
N ILE B 44 15.30 7.90 -6.30
CA ILE B 44 16.37 6.90 -6.08
C ILE B 44 15.93 5.66 -6.87
N LEU B 45 16.76 5.17 -7.80
CA LEU B 45 16.38 4.03 -8.68
C LEU B 45 16.67 2.70 -8.00
N LEU B 46 15.68 2.10 -7.33
CA LEU B 46 15.83 0.77 -6.68
C LEU B 46 15.70 -0.31 -7.76
N LYS B 47 16.64 -1.26 -7.82
CA LYS B 47 16.64 -2.35 -8.82
C LYS B 47 16.36 -3.68 -8.11
N ASN B 48 15.25 -4.34 -8.44
CA ASN B 48 14.88 -5.66 -7.87
C ASN B 48 14.66 -6.59 -9.07
N THR B 49 13.41 -6.83 -9.50
CA THR B 49 13.13 -7.62 -10.72
C THR B 49 13.21 -6.65 -11.90
N VAL B 50 12.73 -5.42 -11.74
CA VAL B 50 12.79 -4.36 -12.78
C VAL B 50 13.42 -3.12 -12.13
N SER B 51 13.98 -2.20 -12.91
CA SER B 51 14.55 -0.95 -12.38
C SER B 51 13.42 0.08 -12.20
N GLN B 52 13.00 0.33 -10.96
CA GLN B 52 11.88 1.26 -10.67
C GLN B 52 12.43 2.58 -10.11
N MET B 53 11.93 3.71 -10.59
CA MET B 53 12.34 5.04 -10.07
C MET B 53 11.40 5.42 -8.93
N VAL B 54 11.81 5.21 -7.68
CA VAL B 54 10.99 5.58 -6.50
C VAL B 54 11.14 7.09 -6.34
N TYR B 55 10.13 7.78 -5.83
CA TYR B 55 10.17 9.25 -5.61
C TYR B 55 10.55 9.48 -4.15
N LYS B 56 11.51 10.36 -3.88
CA LYS B 56 11.98 10.63 -2.50
C LYS B 56 10.83 11.23 -1.70
N HIS B 57 9.93 11.96 -2.34
CA HIS B 57 8.80 12.66 -1.65
C HIS B 57 7.77 11.64 -1.16
N ALA B 58 7.98 10.34 -1.39
CA ALA B 58 7.06 9.28 -0.94
C ALA B 58 7.78 8.33 0.01
N ILE B 59 9.00 8.66 0.46
CA ILE B 59 9.81 7.74 1.30
C ILE B 59 9.84 8.25 2.75
N SER B 60 9.46 7.40 3.72
CA SER B 60 9.52 7.74 5.16
C SER B 60 10.93 7.43 5.68
N THR B 61 11.34 6.17 5.68
CA THR B 61 12.69 5.73 6.12
C THR B 61 13.29 4.71 5.17
N VAL B 62 14.61 4.70 5.02
CA VAL B 62 15.35 3.67 4.23
C VAL B 62 16.24 2.94 5.23
N VAL B 63 16.12 1.62 5.38
CA VAL B 63 16.85 0.88 6.45
C VAL B 63 17.76 -0.22 5.87
N PRO B 64 19.10 -0.02 5.83
CA PRO B 64 20.02 -1.10 5.39
C PRO B 64 19.65 -2.40 6.10
N SER B 65 19.94 -3.51 5.43
CA SER B 65 19.68 -4.85 5.94
C SER B 65 20.83 -5.43 6.77
N ARG B 66 21.97 -4.75 6.78
CA ARG B 66 23.12 -5.05 7.62
C ARG B 66 23.90 -3.76 7.78
N PRO B 67 24.74 -3.67 8.77
CA PRO B 67 25.57 -2.46 8.92
C PRO B 67 26.14 -1.94 7.61
N VAL B 68 26.95 -0.90 7.63
CA VAL B 68 27.61 -0.40 6.42
C VAL B 68 28.95 0.17 6.82
N SER B 69 29.87 0.21 5.87
CA SER B 69 31.23 0.67 6.13
C SER B 69 31.48 2.03 5.50
N HIS B 70 32.62 2.61 5.90
CA HIS B 70 33.15 3.82 5.28
C HIS B 70 34.69 3.69 5.15
N GLN C 5 17.01 31.86 15.57
CA GLN C 5 16.39 31.72 14.22
C GLN C 5 15.90 30.29 14.04
N SER C 6 16.78 29.28 14.22
CA SER C 6 16.42 27.85 14.06
C SER C 6 16.24 27.20 15.44
N LEU C 7 15.27 26.30 15.56
CA LEU C 7 15.01 25.57 16.84
C LEU C 7 15.19 24.07 16.60
N GLN C 8 15.56 23.66 15.38
CA GLN C 8 15.69 22.22 15.03
C GLN C 8 17.15 21.78 15.19
N ASP C 9 18.09 22.58 14.69
CA ASP C 9 19.53 22.25 14.83
C ASP C 9 19.82 22.13 16.33
N PRO C 10 19.43 23.11 17.18
CA PRO C 10 19.64 22.99 18.61
C PRO C 10 18.95 21.77 19.23
N PHE C 11 17.68 21.53 18.89
CA PHE C 11 16.88 20.42 19.48
C PHE C 11 17.54 19.09 19.11
N LEU C 12 17.91 18.90 17.84
CA LEU C 12 18.51 17.63 17.37
C LEU C 12 19.96 17.55 17.83
N ASN C 13 20.76 18.58 17.58
CA ASN C 13 22.18 18.61 18.02
C ASN C 13 22.23 18.35 19.53
N ALA C 14 21.19 18.71 20.27
CA ALA C 14 21.14 18.56 21.74
C ALA C 14 20.72 17.13 22.11
N LEU C 15 19.96 16.46 21.25
CA LEU C 15 19.55 15.06 21.48
C LEU C 15 20.68 14.15 20.97
N ARG C 16 21.75 14.73 20.44
CA ARG C 16 22.93 13.96 19.96
C ARG C 16 23.99 13.99 21.06
N ARG C 17 24.52 15.17 21.41
CA ARG C 17 25.49 15.31 22.49
C ARG C 17 25.08 14.55 23.74
N GLU C 18 23.82 14.73 24.14
CA GLU C 18 23.31 14.13 25.39
C GLU C 18 22.90 12.68 25.21
N ARG C 19 22.86 12.19 23.98
CA ARG C 19 22.55 10.79 23.73
C ARG C 19 21.26 10.39 24.45
N VAL C 20 20.23 11.18 24.22
CA VAL C 20 18.93 10.95 24.83
C VAL C 20 18.08 10.11 23.86
N PRO C 21 17.64 8.94 24.26
CA PRO C 21 16.68 8.20 23.43
C PRO C 21 15.49 9.08 23.00
N ALA C 22 15.06 8.89 21.74
CA ALA C 22 13.97 9.63 21.08
C ALA C 22 12.91 8.70 20.53
N SER C 23 11.74 9.26 20.33
CA SER C 23 10.75 8.74 19.41
C SER C 23 10.58 9.72 18.26
N ILE C 24 10.34 9.20 17.06
CA ILE C 24 10.14 10.03 15.83
C ILE C 24 8.85 9.55 15.18
N TYR C 25 7.71 10.09 15.58
CA TYR C 25 6.38 9.71 15.03
C TYR C 25 6.32 10.17 13.57
N LEU C 26 5.80 9.32 12.68
CA LEU C 26 5.75 9.63 11.23
C LEU C 26 4.35 10.09 10.86
N VAL C 27 4.18 10.75 9.71
CA VAL C 27 2.88 11.29 9.25
C VAL C 27 1.87 10.16 9.09
N ASN C 28 2.29 8.91 9.24
CA ASN C 28 1.39 7.72 9.11
C ASN C 28 1.11 7.14 10.50
N GLY C 29 1.55 7.83 11.57
CA GLY C 29 1.35 7.36 12.95
C GLY C 29 2.31 6.22 13.27
N ILE C 30 3.42 6.12 12.54
CA ILE C 30 4.44 5.03 12.75
C ILE C 30 5.46 5.55 13.75
N LYS C 31 5.70 4.81 14.82
CA LYS C 31 6.68 5.24 15.84
C LYS C 31 8.08 4.71 15.48
N LEU C 32 9.07 5.60 15.39
CA LEU C 32 10.47 5.21 15.11
C LEU C 32 11.31 5.59 16.34
N GLN C 33 11.42 4.69 17.32
CA GLN C 33 12.16 4.97 18.59
C GLN C 33 13.60 4.48 18.46
N GLY C 34 14.56 5.39 18.31
CA GLY C 34 15.99 5.05 18.25
C GLY C 34 16.82 6.13 18.91
N GLN C 35 17.90 6.59 18.27
CA GLN C 35 18.76 7.68 18.81
C GLN C 35 19.25 8.54 17.64
N ILE C 36 19.22 9.87 17.79
CA ILE C 36 19.63 10.82 16.72
C ILE C 36 21.15 10.76 16.57
N GLU C 37 21.63 10.25 15.44
CA GLU C 37 23.07 10.16 15.19
C GLU C 37 23.59 11.41 14.52
N SER C 38 22.81 11.94 13.60
CA SER C 38 23.12 13.22 12.98
C SER C 38 21.93 13.61 12.09
N PHE C 39 22.10 14.61 11.24
CA PHE C 39 20.95 15.10 10.48
C PHE C 39 21.45 16.16 9.53
N ASP C 40 20.70 16.38 8.47
CA ASP C 40 21.06 17.39 7.50
C ASP C 40 19.79 18.21 7.28
N GLN C 41 19.77 18.96 6.19
CA GLN C 41 18.62 19.80 5.89
C GLN C 41 17.39 18.97 5.60
N PHE C 42 17.52 17.73 5.10
CA PHE C 42 16.34 16.91 4.74
C PHE C 42 16.20 15.57 5.48
N VAL C 43 17.24 15.07 6.16
CA VAL C 43 17.04 13.88 6.98
C VAL C 43 17.71 13.91 8.35
N ILE C 44 17.26 12.98 9.21
CA ILE C 44 18.03 12.57 10.38
C ILE C 44 18.31 11.08 10.26
N LEU C 45 19.50 10.67 10.73
CA LEU C 45 19.96 9.26 10.66
C LEU C 45 19.80 8.62 12.04
N LEU C 46 18.60 8.13 12.38
CA LEU C 46 18.32 7.48 13.68
C LEU C 46 19.11 6.18 13.77
N LYS C 47 19.63 5.82 14.94
CA LYS C 47 20.44 4.60 15.13
C LYS C 47 19.77 3.63 16.10
N ASN C 48 19.68 2.36 15.75
CA ASN C 48 19.12 1.29 16.64
C ASN C 48 19.87 0.01 16.26
N THR C 49 19.17 -1.10 15.99
CA THR C 49 19.83 -2.33 15.49
C THR C 49 20.64 -1.96 14.25
N VAL C 50 20.02 -1.33 13.25
CA VAL C 50 20.71 -0.83 12.03
C VAL C 50 20.35 0.65 11.86
N SER C 51 21.34 1.53 11.61
CA SER C 51 21.10 2.97 11.39
C SER C 51 20.15 3.15 10.22
N GLN C 52 19.12 3.99 10.37
CA GLN C 52 18.13 4.26 9.30
C GLN C 52 18.16 5.74 8.95
N MET C 53 17.79 6.11 7.72
CA MET C 53 17.70 7.52 7.29
C MET C 53 16.21 7.88 7.25
N VAL C 54 15.74 8.73 8.17
CA VAL C 54 14.30 9.11 8.22
C VAL C 54 14.14 10.49 7.56
N TYR C 55 13.38 10.56 6.47
CA TYR C 55 13.10 11.82 5.74
C TYR C 55 12.24 12.72 6.60
N LYS C 56 12.68 13.97 6.80
CA LYS C 56 11.97 14.93 7.69
C LYS C 56 10.58 15.24 7.11
N HIS C 57 10.39 15.09 5.81
CA HIS C 57 9.10 15.38 5.13
C HIS C 57 8.09 14.28 5.48
N ALA C 58 8.50 13.29 6.27
CA ALA C 58 7.61 12.19 6.71
C ALA C 58 7.58 12.17 8.25
N ILE C 59 8.13 13.19 8.90
CA ILE C 59 8.22 13.25 10.39
C ILE C 59 7.14 14.18 10.93
N SER C 60 6.23 13.68 11.77
CA SER C 60 5.17 14.49 12.41
C SER C 60 5.77 15.21 13.61
N THR C 61 6.07 14.48 14.68
CA THR C 61 6.67 15.04 15.92
C THR C 61 7.82 14.15 16.39
N VAL C 62 8.80 14.74 17.08
CA VAL C 62 9.98 14.00 17.62
C VAL C 62 10.00 14.20 19.14
N VAL C 63 9.32 13.34 19.91
CA VAL C 63 9.24 13.45 21.34
C VAL C 63 10.48 12.77 21.98
N PRO C 64 11.36 13.53 22.66
CA PRO C 64 12.39 12.87 23.50
C PRO C 64 11.74 12.06 24.61
N SER C 65 12.54 11.19 25.13
CA SER C 65 12.08 10.24 26.11
C SER C 65 12.31 10.74 27.54
N ARG C 66 13.08 11.83 27.69
CA ARG C 66 13.44 12.45 28.88
C ARG C 66 13.74 13.90 28.47
N PRO C 67 13.35 14.84 29.33
CA PRO C 67 13.79 16.22 29.14
C PRO C 67 15.29 16.30 28.89
N VAL C 68 15.85 17.47 28.55
CA VAL C 68 17.27 17.54 28.15
C VAL C 68 17.84 18.92 28.50
N SER C 69 19.09 18.94 28.98
CA SER C 69 19.71 20.19 29.43
C SER C 69 20.57 20.76 28.31
N GLY D 4 0.68 33.63 -14.08
CA GLY D 4 0.47 34.97 -14.66
C GLY D 4 -0.18 35.91 -13.68
N GLN D 5 -1.30 35.51 -13.08
CA GLN D 5 -2.05 36.35 -12.10
C GLN D 5 -2.59 35.46 -10.97
N SER D 6 -2.40 35.86 -9.71
CA SER D 6 -2.83 35.07 -8.53
C SER D 6 -4.36 34.93 -8.49
N LEU D 7 -4.86 33.76 -8.14
CA LEU D 7 -6.33 33.50 -8.03
C LEU D 7 -6.63 32.98 -6.64
N GLN D 8 -5.61 32.80 -5.79
CA GLN D 8 -5.77 32.22 -4.43
C GLN D 8 -6.23 33.29 -3.45
N ASP D 9 -5.66 34.50 -3.54
CA ASP D 9 -6.01 35.62 -2.63
C ASP D 9 -7.34 36.22 -3.08
N PRO D 10 -7.50 36.65 -4.35
CA PRO D 10 -8.73 37.31 -4.78
C PRO D 10 -9.94 36.44 -4.42
N PHE D 11 -9.80 35.12 -4.43
CA PHE D 11 -10.88 34.17 -4.11
C PHE D 11 -11.21 34.30 -2.62
N LEU D 12 -10.19 34.31 -1.76
CA LEU D 12 -10.39 34.35 -0.29
C LEU D 12 -10.72 35.78 0.13
N ASN D 13 -10.10 36.78 -0.49
CA ASN D 13 -10.31 38.21 -0.17
C ASN D 13 -11.75 38.59 -0.52
N ALA D 14 -12.43 37.78 -1.34
CA ALA D 14 -13.81 38.05 -1.79
C ALA D 14 -14.79 37.17 -1.03
N LEU D 15 -14.31 36.08 -0.44
CA LEU D 15 -15.15 35.17 0.38
C LEU D 15 -15.15 35.71 1.80
N ARG D 16 -14.37 36.78 2.03
CA ARG D 16 -14.29 37.42 3.36
C ARG D 16 -15.05 38.74 3.30
N ARG D 17 -14.76 39.59 2.32
CA ARG D 17 -15.41 40.92 2.17
C ARG D 17 -16.92 40.72 2.11
N GLU D 18 -17.38 39.59 1.55
CA GLU D 18 -18.84 39.33 1.37
C GLU D 18 -19.33 38.46 2.53
N ARG D 19 -18.48 38.22 3.54
CA ARG D 19 -18.86 37.43 4.74
C ARG D 19 -19.77 36.28 4.31
N VAL D 20 -19.28 35.39 3.43
CA VAL D 20 -20.04 34.20 2.97
C VAL D 20 -19.52 32.98 3.71
N PRO D 21 -20.37 32.14 4.31
CA PRO D 21 -19.91 30.90 4.92
C PRO D 21 -19.14 30.11 3.85
N ALA D 22 -18.14 29.32 4.22
CA ALA D 22 -17.28 28.56 3.28
C ALA D 22 -16.98 27.16 3.80
N SER D 23 -16.88 26.16 2.93
CA SER D 23 -16.41 24.84 3.35
C SER D 23 -14.93 24.72 3.09
N ILE D 24 -14.16 24.10 4.00
CA ILE D 24 -12.70 23.88 3.81
C ILE D 24 -12.34 22.41 3.97
N TYR D 25 -12.46 21.61 2.90
CA TYR D 25 -12.08 20.18 2.92
C TYR D 25 -10.58 20.09 3.14
N LEU D 26 -10.11 19.11 3.90
CA LEU D 26 -8.66 18.95 4.23
C LEU D 26 -8.15 17.67 3.60
N VAL D 27 -6.83 17.46 3.57
CA VAL D 27 -6.20 16.28 2.93
C VAL D 27 -6.51 15.02 3.75
N ASN D 28 -7.12 15.16 4.93
CA ASN D 28 -7.48 14.03 5.81
C ASN D 28 -8.93 13.63 5.53
N GLY D 29 -9.57 14.28 4.56
CA GLY D 29 -10.99 14.04 4.27
C GLY D 29 -11.84 14.76 5.28
N ILE D 30 -11.27 15.75 5.96
CA ILE D 30 -11.98 16.52 7.02
C ILE D 30 -12.70 17.69 6.37
N LYS D 31 -13.83 18.11 6.94
CA LYS D 31 -14.60 19.29 6.44
C LYS D 31 -14.64 20.34 7.56
N LEU D 32 -13.88 21.43 7.42
CA LEU D 32 -13.87 22.53 8.40
C LEU D 32 -14.76 23.66 7.88
N GLN D 33 -15.99 23.79 8.40
CA GLN D 33 -16.94 24.85 7.96
C GLN D 33 -16.75 26.08 8.84
N GLY D 34 -16.87 27.29 8.27
CA GLY D 34 -16.71 28.53 9.04
C GLY D 34 -16.78 29.80 8.20
N GLN D 35 -15.81 30.70 8.34
CA GLN D 35 -15.77 32.00 7.63
C GLN D 35 -14.32 32.44 7.54
N ILE D 36 -13.82 32.83 6.37
CA ILE D 36 -12.38 33.15 6.18
C ILE D 36 -12.12 34.54 6.76
N GLU D 37 -11.73 34.61 8.03
CA GLU D 37 -11.45 35.88 8.67
C GLU D 37 -10.26 36.58 8.01
N SER D 38 -9.16 35.87 7.82
CA SER D 38 -7.94 36.42 7.20
C SER D 38 -7.21 35.29 6.47
N PHE D 39 -6.20 35.60 5.68
CA PHE D 39 -5.41 34.58 4.96
C PHE D 39 -4.00 35.10 4.72
N ASP D 40 -2.99 34.33 5.10
CA ASP D 40 -1.57 34.64 4.82
C ASP D 40 -1.11 33.53 3.88
N GLN D 41 0.11 33.56 3.37
CA GLN D 41 0.58 32.59 2.39
C GLN D 41 0.39 31.15 2.86
N PHE D 42 0.60 30.86 4.13
CA PHE D 42 0.62 29.49 4.62
C PHE D 42 -0.65 29.11 5.37
N VAL D 43 -1.46 30.10 5.73
CA VAL D 43 -2.56 29.86 6.66
C VAL D 43 -3.78 30.75 6.36
N ILE D 44 -4.93 30.15 6.65
CA ILE D 44 -6.25 30.72 6.64
C ILE D 44 -6.77 30.66 8.07
N LEU D 45 -7.26 31.80 8.57
CA LEU D 45 -7.75 31.91 9.96
C LEU D 45 -9.27 31.77 9.96
N LEU D 46 -9.76 30.56 9.69
CA LEU D 46 -11.22 30.29 9.67
C LEU D 46 -11.74 30.36 11.10
N LYS D 47 -12.90 30.97 11.30
CA LYS D 47 -13.49 31.13 12.66
C LYS D 47 -14.89 30.52 12.69
N ASN D 48 -15.27 29.88 13.78
CA ASN D 48 -16.63 29.33 13.97
C ASN D 48 -17.04 29.71 15.39
N THR D 49 -16.55 28.99 16.41
CA THR D 49 -16.78 29.30 17.83
C THR D 49 -15.48 29.91 18.36
N VAL D 50 -14.33 29.33 17.99
CA VAL D 50 -12.99 29.88 18.34
C VAL D 50 -12.24 30.06 17.03
N SER D 51 -11.31 31.02 16.96
CA SER D 51 -10.54 31.31 15.73
C SER D 51 -9.49 30.21 15.53
N GLN D 52 -9.69 29.32 14.55
CA GLN D 52 -8.76 28.22 14.24
C GLN D 52 -7.82 28.68 13.14
N MET D 53 -6.56 28.24 13.16
CA MET D 53 -5.57 28.58 12.10
C MET D 53 -5.35 27.31 11.29
N VAL D 54 -5.97 27.18 10.10
CA VAL D 54 -5.81 26.01 9.21
C VAL D 54 -4.64 26.28 8.27
N TYR D 55 -3.79 25.29 8.03
CA TYR D 55 -2.61 25.41 7.16
C TYR D 55 -3.05 25.12 5.72
N LYS D 56 -2.67 25.95 4.76
CA LYS D 56 -3.13 25.80 3.35
C LYS D 56 -2.62 24.45 2.82
N HIS D 57 -1.47 23.98 3.31
CA HIS D 57 -0.84 22.73 2.84
C HIS D 57 -1.60 21.51 3.37
N ALA D 58 -2.72 21.71 4.07
CA ALA D 58 -3.56 20.62 4.60
C ALA D 58 -4.96 20.72 4.01
N ILE D 59 -5.17 21.59 3.01
CA ILE D 59 -6.50 21.83 2.39
C ILE D 59 -6.56 21.17 1.01
N SER D 60 -7.64 20.46 0.69
CA SER D 60 -7.84 19.83 -0.63
C SER D 60 -8.77 20.72 -1.47
N THR D 61 -9.93 21.09 -0.96
CA THR D 61 -10.89 21.96 -1.70
C THR D 61 -11.64 22.92 -0.76
N VAL D 62 -12.18 24.02 -1.28
CA VAL D 62 -12.86 25.07 -0.53
C VAL D 62 -14.12 25.57 -1.22
N VAL D 63 -15.20 24.85 -0.97
CA VAL D 63 -16.43 25.10 -1.68
C VAL D 63 -17.31 26.14 -0.98
N PRO D 64 -17.36 27.42 -1.50
CA PRO D 64 -18.19 28.42 -0.80
C PRO D 64 -19.61 27.92 -0.64
N SER D 65 -20.31 28.41 0.37
CA SER D 65 -21.66 27.94 0.62
C SER D 65 -22.65 28.50 -0.36
N ARG D 66 -22.39 29.72 -0.86
CA ARG D 66 -23.18 30.45 -1.82
C ARG D 66 -22.25 31.17 -2.79
N PRO D 67 -22.63 31.26 -4.06
CA PRO D 67 -21.80 31.93 -5.08
C PRO D 67 -20.99 33.15 -4.62
N GLN E 5 9.94 24.34 -20.60
CA GLN E 5 8.66 24.03 -21.29
C GLN E 5 7.67 23.48 -20.27
N SER E 6 6.37 23.49 -20.60
CA SER E 6 5.31 23.00 -19.68
C SER E 6 4.34 22.07 -20.39
N LEU E 7 3.81 21.06 -19.68
CA LEU E 7 2.81 20.12 -20.22
C LEU E 7 1.57 20.22 -19.33
N GLN E 8 1.54 21.19 -18.41
CA GLN E 8 0.44 21.32 -17.41
C GLN E 8 -0.52 22.43 -17.82
N ASP E 9 -0.09 23.68 -17.73
CA ASP E 9 -0.95 24.85 -18.06
C ASP E 9 -1.66 24.54 -19.38
N PRO E 10 -0.95 24.09 -20.43
CA PRO E 10 -1.59 23.88 -21.74
C PRO E 10 -2.78 22.93 -21.63
N PHE E 11 -2.54 21.68 -21.22
CA PHE E 11 -3.61 20.67 -21.07
C PHE E 11 -4.83 21.33 -20.43
N LEU E 12 -4.63 22.13 -19.39
CA LEU E 12 -5.76 22.77 -18.64
C LEU E 12 -6.41 23.85 -19.50
N ASN E 13 -5.61 24.73 -20.11
CA ASN E 13 -6.13 25.83 -20.96
C ASN E 13 -6.94 25.22 -22.10
N ALA E 14 -6.62 23.99 -22.50
CA ALA E 14 -7.33 23.29 -23.61
C ALA E 14 -8.53 22.54 -23.02
N LEU E 15 -8.53 22.27 -21.72
CA LEU E 15 -9.68 21.62 -21.03
C LEU E 15 -10.61 22.76 -20.59
N ARG E 16 -10.29 23.99 -20.96
CA ARG E 16 -11.12 25.18 -20.64
C ARG E 16 -11.69 25.75 -21.94
N ARG E 17 -10.85 26.07 -22.94
CA ARG E 17 -11.30 26.58 -24.24
C ARG E 17 -12.34 25.69 -24.90
N GLU E 18 -12.18 24.37 -24.76
CA GLU E 18 -13.13 23.40 -25.29
C GLU E 18 -14.29 23.18 -24.33
N ARG E 19 -14.14 23.59 -23.09
CA ARG E 19 -15.16 23.44 -22.07
C ARG E 19 -15.55 21.98 -21.88
N VAL E 20 -14.55 21.13 -21.83
CA VAL E 20 -14.78 19.72 -21.49
C VAL E 20 -14.95 19.60 -19.98
N PRO E 21 -15.99 18.90 -19.53
CA PRO E 21 -16.02 18.43 -18.14
C PRO E 21 -14.83 17.53 -17.80
N ALA E 22 -14.42 17.54 -16.55
CA ALA E 22 -13.20 16.88 -16.11
C ALA E 22 -13.48 16.18 -14.80
N SER E 23 -12.75 15.13 -14.49
CA SER E 23 -12.67 14.62 -13.13
C SER E 23 -11.33 14.99 -12.51
N ILE E 24 -11.32 15.46 -11.26
CA ILE E 24 -10.07 15.81 -10.53
C ILE E 24 -10.01 14.88 -9.31
N TYR E 25 -9.08 13.93 -9.31
CA TYR E 25 -8.93 12.95 -8.21
C TYR E 25 -8.00 13.56 -7.16
N LEU E 26 -8.38 13.49 -5.90
CA LEU E 26 -7.59 14.09 -4.80
C LEU E 26 -6.74 13.00 -4.16
N VAL E 27 -5.62 13.35 -3.56
CA VAL E 27 -4.67 12.38 -2.92
C VAL E 27 -5.46 11.53 -1.93
N ASN E 28 -6.54 12.06 -1.36
CA ASN E 28 -7.42 11.34 -0.39
C ASN E 28 -8.22 10.28 -1.14
N GLY E 29 -8.36 10.43 -2.45
CA GLY E 29 -9.15 9.49 -3.27
C GLY E 29 -10.54 10.04 -3.51
N ILE E 30 -10.70 11.38 -3.47
CA ILE E 30 -12.02 12.04 -3.64
C ILE E 30 -12.18 12.44 -5.11
N LYS E 31 -13.40 12.33 -5.66
CA LYS E 31 -13.64 12.67 -7.05
C LYS E 31 -14.44 13.99 -7.12
N LEU E 32 -13.73 15.08 -7.42
CA LEU E 32 -14.37 16.39 -7.65
C LEU E 32 -14.59 16.53 -9.15
N GLN E 33 -15.76 16.16 -9.66
CA GLN E 33 -16.06 16.21 -11.12
C GLN E 33 -16.82 17.50 -11.45
N GLY E 34 -16.19 18.42 -12.19
CA GLY E 34 -16.83 19.69 -12.60
C GLY E 34 -16.31 20.14 -13.95
N GLN E 35 -15.87 21.40 -14.06
CA GLN E 35 -15.29 21.95 -15.32
C GLN E 35 -14.23 22.97 -14.94
N ILE E 36 -13.02 22.88 -15.52
CA ILE E 36 -11.88 23.77 -15.16
C ILE E 36 -12.19 25.19 -15.62
N GLU E 37 -12.51 26.08 -14.68
CA GLU E 37 -12.78 27.47 -15.02
C GLU E 37 -11.53 28.32 -15.07
N SER E 38 -10.52 28.02 -14.25
CA SER E 38 -9.26 28.78 -14.29
C SER E 38 -8.21 28.13 -13.38
N PHE E 39 -6.98 28.63 -13.41
CA PHE E 39 -5.86 28.07 -12.61
C PHE E 39 -4.73 29.09 -12.54
N ASP E 40 -3.91 29.05 -11.48
CA ASP E 40 -2.73 29.94 -11.34
C ASP E 40 -1.51 29.04 -11.33
N GLN E 41 -0.80 28.92 -10.20
CA GLN E 41 0.38 28.02 -10.07
C GLN E 41 0.19 27.11 -8.85
N PHE E 42 -0.86 27.33 -8.06
CA PHE E 42 -1.09 26.56 -6.81
C PHE E 42 -2.52 26.01 -6.73
N VAL E 43 -3.47 26.60 -7.45
CA VAL E 43 -4.91 26.19 -7.35
C VAL E 43 -5.54 26.11 -8.74
N ILE E 44 -6.64 25.36 -8.88
CA ILE E 44 -7.41 25.26 -10.15
C ILE E 44 -8.89 25.39 -9.79
N LEU E 45 -9.58 26.43 -10.26
CA LEU E 45 -10.98 26.70 -9.86
C LEU E 45 -11.93 25.84 -10.69
N LEU E 46 -12.50 24.79 -10.10
CA LEU E 46 -13.44 23.88 -10.80
C LEU E 46 -14.86 24.28 -10.43
N LYS E 47 -15.70 24.61 -11.41
CA LYS E 47 -17.09 25.07 -11.16
C LYS E 47 -18.08 24.00 -11.61
N ASN E 48 -18.89 23.48 -10.69
CA ASN E 48 -19.97 22.50 -11.02
C ASN E 48 -21.29 23.11 -10.56
N THR E 49 -21.66 22.94 -9.29
CA THR E 49 -22.87 23.58 -8.71
C THR E 49 -22.44 24.93 -8.14
N VAL E 50 -21.29 24.99 -7.47
CA VAL E 50 -20.71 26.27 -6.95
C VAL E 50 -19.21 26.22 -7.17
N SER E 51 -18.61 27.26 -7.75
CA SER E 51 -17.16 27.33 -8.02
C SER E 51 -16.39 26.99 -6.74
N GLN E 52 -15.51 26.00 -6.78
CA GLN E 52 -14.69 25.60 -5.61
C GLN E 52 -13.21 25.69 -5.98
N MET E 53 -12.41 26.38 -5.17
CA MET E 53 -10.95 26.44 -5.38
C MET E 53 -10.38 25.11 -4.88
N VAL E 54 -9.71 24.36 -5.76
CA VAL E 54 -9.09 23.06 -5.36
C VAL E 54 -7.57 23.21 -5.46
N TYR E 55 -6.85 23.00 -4.35
CA TYR E 55 -5.37 23.13 -4.30
C TYR E 55 -4.74 21.99 -5.11
N LYS E 56 -3.77 22.30 -5.97
CA LYS E 56 -3.15 21.29 -6.87
C LYS E 56 -2.24 20.36 -6.05
N HIS E 57 -1.90 20.75 -4.82
CA HIS E 57 -1.00 19.94 -3.95
C HIS E 57 -1.83 18.85 -3.27
N ALA E 58 -3.10 18.69 -3.65
CA ALA E 58 -3.97 17.63 -3.12
C ALA E 58 -4.62 16.89 -4.29
N ILE E 59 -4.14 17.13 -5.51
CA ILE E 59 -4.68 16.47 -6.74
C ILE E 59 -3.69 15.40 -7.20
N SER E 60 -4.17 14.18 -7.46
CA SER E 60 -3.34 13.07 -7.94
C SER E 60 -3.39 13.03 -9.47
N THR E 61 -4.51 12.59 -10.05
CA THR E 61 -4.68 12.49 -11.52
C THR E 61 -5.89 13.31 -11.96
N VAL E 62 -5.74 14.11 -13.01
CA VAL E 62 -6.85 14.94 -13.58
C VAL E 62 -7.24 14.33 -14.93
N VAL E 63 -8.23 13.43 -14.96
CA VAL E 63 -8.64 12.70 -16.19
C VAL E 63 -9.76 13.46 -16.90
N PRO E 64 -9.63 13.81 -18.19
CA PRO E 64 -10.73 14.43 -18.93
C PRO E 64 -11.94 13.51 -19.08
N SER E 65 -13.11 14.03 -19.46
CA SER E 65 -14.37 13.25 -19.65
C SER E 65 -14.49 12.89 -21.13
N ARG E 66 -13.62 13.41 -21.97
CA ARG E 66 -13.57 13.16 -23.42
C ARG E 66 -12.26 13.73 -23.97
N PRO E 67 -11.75 13.21 -25.09
CA PRO E 67 -10.48 13.69 -25.63
C PRO E 67 -10.51 15.21 -25.79
N VAL E 68 -9.38 15.88 -25.65
CA VAL E 68 -9.28 17.37 -25.75
C VAL E 68 -8.22 17.73 -26.78
N SER E 69 -8.62 18.11 -28.00
CA SER E 69 -7.69 18.49 -29.09
C SER E 69 -8.18 19.76 -29.79
N GLN F 5 21.91 16.60 -14.01
CA GLN F 5 22.18 15.14 -14.06
C GLN F 5 21.09 14.41 -13.28
N SER F 6 19.84 14.44 -13.75
CA SER F 6 18.68 13.78 -13.07
C SER F 6 18.35 12.48 -13.81
N LEU F 7 17.82 11.49 -13.10
CA LEU F 7 17.45 10.17 -13.69
C LEU F 7 15.94 10.09 -13.81
N GLN F 8 15.23 11.20 -13.64
CA GLN F 8 13.75 11.23 -13.72
C GLN F 8 13.34 11.56 -15.16
N ASP F 9 14.02 12.51 -15.78
CA ASP F 9 13.69 12.94 -17.16
C ASP F 9 14.23 11.92 -18.16
N PRO F 10 15.43 11.34 -17.98
CA PRO F 10 15.96 10.31 -18.86
C PRO F 10 15.13 9.03 -18.73
N PHE F 11 14.99 8.51 -17.51
CA PHE F 11 14.23 7.26 -17.26
C PHE F 11 12.89 7.34 -17.98
N LEU F 12 12.17 8.45 -17.81
CA LEU F 12 10.84 8.64 -18.43
C LEU F 12 11.03 8.85 -19.93
N ASN F 13 12.06 9.58 -20.32
CA ASN F 13 12.33 9.91 -21.74
C ASN F 13 12.76 8.63 -22.47
N ALA F 14 12.87 7.51 -21.76
CA ALA F 14 13.27 6.22 -22.35
C ALA F 14 12.13 5.20 -22.22
N LEU F 15 11.21 5.39 -21.28
CA LEU F 15 10.01 4.53 -21.15
C LEU F 15 8.98 5.10 -22.11
N ARG F 16 9.31 6.22 -22.77
CA ARG F 16 8.45 6.83 -23.81
C ARG F 16 9.15 6.64 -25.15
N ARG F 17 10.48 6.58 -25.17
CA ARG F 17 11.27 6.42 -26.40
C ARG F 17 11.19 5.01 -26.94
N GLU F 18 11.06 4.01 -26.09
CA GLU F 18 10.85 2.64 -26.56
C GLU F 18 9.41 2.19 -26.30
N ARG F 19 8.52 3.14 -26.00
CA ARG F 19 7.07 2.94 -25.91
C ARG F 19 6.70 1.70 -25.11
N VAL F 20 7.20 1.69 -23.89
CA VAL F 20 7.05 0.55 -23.00
C VAL F 20 5.88 0.81 -22.06
N PRO F 21 5.10 -0.19 -21.73
CA PRO F 21 4.15 -0.02 -20.60
C PRO F 21 4.83 0.14 -19.25
N ALA F 22 4.20 0.94 -18.39
CA ALA F 22 4.68 1.17 -17.04
C ALA F 22 3.53 1.04 -16.05
N SER F 23 3.87 0.98 -14.78
CA SER F 23 2.96 1.29 -13.68
C SER F 23 3.43 2.62 -13.12
N ILE F 24 2.51 3.52 -12.78
CA ILE F 24 2.81 4.81 -12.13
C ILE F 24 2.04 4.77 -10.81
N TYR F 25 2.53 4.01 -9.83
CA TYR F 25 1.87 3.84 -8.52
C TYR F 25 1.68 5.21 -7.86
N LEU F 26 0.66 5.34 -7.00
CA LEU F 26 0.35 6.63 -6.35
C LEU F 26 0.57 6.47 -4.84
N VAL F 27 0.71 7.58 -4.11
CA VAL F 27 0.97 7.57 -2.64
C VAL F 27 -0.31 7.18 -1.90
N ASN F 28 -1.42 6.97 -2.62
CA ASN F 28 -2.72 6.57 -2.01
C ASN F 28 -2.87 5.07 -2.13
N GLY F 29 -1.83 4.37 -2.60
CA GLY F 29 -1.89 2.91 -2.82
C GLY F 29 -2.62 2.62 -4.11
N ILE F 30 -2.58 3.55 -5.06
CA ILE F 30 -3.32 3.41 -6.35
C ILE F 30 -2.31 3.16 -7.47
N LYS F 31 -2.63 2.23 -8.38
CA LYS F 31 -1.76 1.88 -9.53
C LYS F 31 -2.35 2.45 -10.82
N LEU F 32 -1.65 3.38 -11.47
CA LEU F 32 -2.09 3.98 -12.75
C LEU F 32 -1.27 3.39 -13.89
N GLN F 33 -1.70 2.27 -14.47
CA GLN F 33 -0.95 1.56 -15.56
C GLN F 33 -1.33 2.15 -16.91
N GLY F 34 -0.34 2.46 -17.76
CA GLY F 34 -0.57 3.02 -19.10
C GLY F 34 0.74 3.19 -19.86
N GLN F 35 0.88 4.26 -20.64
CA GLN F 35 2.12 4.54 -21.40
C GLN F 35 2.47 6.02 -21.28
N ILE F 36 3.75 6.34 -21.04
CA ILE F 36 4.20 7.74 -20.82
C ILE F 36 4.21 8.48 -22.16
N GLU F 37 3.24 9.35 -22.41
CA GLU F 37 3.21 10.20 -23.60
C GLU F 37 4.13 11.42 -23.47
N SER F 38 4.15 12.07 -22.33
CA SER F 38 5.04 13.21 -22.11
C SER F 38 5.05 13.47 -20.62
N PHE F 39 5.92 14.39 -20.20
CA PHE F 39 6.12 14.80 -18.81
C PHE F 39 6.68 16.22 -18.91
N ASP F 40 6.65 16.92 -17.77
CA ASP F 40 7.47 18.12 -17.54
C ASP F 40 7.89 18.02 -16.08
N GLN F 41 7.89 19.12 -15.34
CA GLN F 41 8.47 19.11 -14.01
C GLN F 41 7.52 18.62 -12.95
N PHE F 42 6.25 18.88 -13.12
CA PHE F 42 5.29 18.51 -12.11
C PHE F 42 4.34 17.39 -12.52
N VAL F 43 4.31 17.03 -13.82
CA VAL F 43 3.37 16.06 -14.37
C VAL F 43 3.95 15.16 -15.47
N ILE F 44 3.34 13.99 -15.56
CA ILE F 44 3.65 12.99 -16.62
C ILE F 44 2.27 12.63 -17.21
N LEU F 45 2.07 12.79 -18.52
CA LEU F 45 0.75 12.55 -19.16
C LEU F 45 0.63 11.08 -19.54
N LEU F 46 0.11 10.25 -18.64
CA LEU F 46 -0.07 8.80 -18.89
C LEU F 46 -1.29 8.63 -19.78
N LYS F 47 -1.09 8.24 -21.04
CA LYS F 47 -2.19 8.07 -22.02
C LYS F 47 -2.60 6.60 -22.09
N ASN F 48 -3.60 6.19 -21.34
CA ASN F 48 -4.13 4.81 -21.43
C ASN F 48 -5.39 4.92 -22.31
N THR F 49 -6.54 4.38 -21.89
CA THR F 49 -7.82 4.53 -22.64
C THR F 49 -8.13 6.02 -22.68
N VAL F 50 -7.71 6.77 -21.66
CA VAL F 50 -7.92 8.25 -21.58
C VAL F 50 -6.55 8.91 -21.39
N SER F 51 -6.40 10.17 -21.79
CA SER F 51 -5.13 10.93 -21.62
C SER F 51 -5.21 11.73 -20.32
N GLN F 52 -4.71 11.18 -19.22
CA GLN F 52 -4.80 11.82 -17.88
C GLN F 52 -3.47 12.47 -17.51
N MET F 53 -3.48 13.48 -16.66
CA MET F 53 -2.25 14.17 -16.17
C MET F 53 -2.08 13.83 -14.69
N VAL F 54 -1.06 13.04 -14.35
CA VAL F 54 -0.81 12.61 -12.94
C VAL F 54 0.22 13.56 -12.35
N TYR F 55 -0.07 14.15 -11.19
CA TYR F 55 0.87 15.07 -10.51
C TYR F 55 1.96 14.22 -9.85
N LYS F 56 3.22 14.49 -10.14
CA LYS F 56 4.35 13.67 -9.64
C LYS F 56 4.33 13.62 -8.11
N HIS F 57 3.76 14.63 -7.46
CA HIS F 57 3.71 14.72 -5.97
C HIS F 57 2.72 13.69 -5.42
N ALA F 58 1.98 13.00 -6.29
CA ALA F 58 1.03 11.94 -5.89
C ALA F 58 1.58 10.58 -6.33
N ILE F 59 2.83 10.54 -6.80
CA ILE F 59 3.46 9.29 -7.33
C ILE F 59 4.49 8.77 -6.32
N SER F 60 4.39 7.51 -5.92
CA SER F 60 5.37 6.87 -5.01
C SER F 60 6.53 6.33 -5.85
N THR F 61 6.28 5.29 -6.64
CA THR F 61 7.33 4.66 -7.50
C THR F 61 6.78 4.42 -8.91
N VAL F 62 7.62 4.59 -9.94
CA VAL F 62 7.24 4.31 -11.35
C VAL F 62 8.02 3.07 -11.79
N VAL F 63 7.35 1.92 -11.92
CA VAL F 63 8.04 0.64 -12.23
C VAL F 63 7.74 0.19 -13.67
N PRO F 64 8.74 0.07 -14.57
CA PRO F 64 8.50 -0.31 -15.95
C PRO F 64 7.79 -1.67 -16.02
N SER F 65 7.07 -1.95 -17.11
CA SER F 65 6.35 -3.23 -17.31
C SER F 65 7.39 -4.28 -17.73
N ARG F 66 8.53 -3.85 -18.24
CA ARG F 66 9.61 -4.72 -18.66
C ARG F 66 10.88 -3.90 -18.77
N PRO F 67 12.03 -4.53 -18.71
CA PRO F 67 13.27 -3.77 -18.79
C PRO F 67 13.29 -2.90 -20.03
N VAL F 68 13.94 -1.75 -19.90
CA VAL F 68 14.08 -0.81 -20.99
C VAL F 68 15.55 -0.50 -21.19
N SER F 69 16.05 -0.73 -22.41
CA SER F 69 17.46 -0.59 -22.73
C SER F 69 18.31 0.22 -21.77
N LYS G 3 -10.80 -24.30 22.97
CA LYS G 3 -11.63 -23.96 24.13
C LYS G 3 -12.35 -22.66 23.89
N GLY G 4 -11.65 -21.58 24.24
CA GLY G 4 -11.82 -20.30 23.60
C GLY G 4 -11.10 -20.35 22.26
N GLN G 5 -11.48 -21.32 21.42
CA GLN G 5 -10.98 -21.42 20.05
C GLN G 5 -11.90 -20.64 19.10
N SER G 6 -12.07 -19.35 19.43
CA SER G 6 -12.86 -18.40 18.64
C SER G 6 -12.34 -17.03 19.04
N LEU G 7 -11.18 -16.64 18.55
CA LEU G 7 -10.49 -15.45 19.03
C LEU G 7 -10.79 -14.22 18.19
N GLN G 8 -11.26 -14.40 16.96
CA GLN G 8 -11.33 -13.29 16.01
C GLN G 8 -12.33 -12.22 16.47
N ASP G 9 -13.54 -12.64 16.92
CA ASP G 9 -14.60 -11.69 17.23
C ASP G 9 -14.41 -10.99 18.57
N PRO G 10 -14.18 -11.72 19.69
CA PRO G 10 -13.77 -11.03 20.92
C PRO G 10 -12.89 -9.84 20.64
N PHE G 11 -11.85 -10.05 19.85
CA PHE G 11 -10.94 -8.95 19.55
C PHE G 11 -11.72 -7.85 18.86
N LEU G 12 -12.35 -8.18 17.74
CA LEU G 12 -12.97 -7.16 16.91
C LEU G 12 -14.22 -6.58 17.58
N ASN G 13 -15.08 -7.42 18.13
CA ASN G 13 -16.32 -6.97 18.82
C ASN G 13 -15.97 -6.01 19.95
N ALA G 14 -14.72 -6.00 20.42
CA ALA G 14 -14.29 -5.16 21.56
C ALA G 14 -13.79 -3.80 21.06
N LEU G 15 -13.08 -3.77 19.93
CA LEU G 15 -12.60 -2.50 19.33
C LEU G 15 -13.82 -1.77 18.76
N ARG G 16 -14.98 -2.42 18.74
CA ARG G 16 -16.24 -1.81 18.24
C ARG G 16 -17.05 -1.33 19.44
N ARG G 17 -17.33 -2.20 20.42
CA ARG G 17 -18.16 -1.85 21.60
C ARG G 17 -17.45 -0.74 22.39
N GLU G 18 -16.12 -0.65 22.29
CA GLU G 18 -15.32 0.38 23.02
C GLU G 18 -14.90 1.45 22.02
N ARG G 19 -15.33 1.35 20.76
CA ARG G 19 -15.03 2.36 19.71
C ARG G 19 -13.59 2.87 19.86
N VAL G 20 -12.58 2.04 19.58
CA VAL G 20 -11.15 2.43 19.66
C VAL G 20 -10.59 2.52 18.24
N PRO G 21 -9.91 3.62 17.85
CA PRO G 21 -9.27 3.70 16.55
C PRO G 21 -8.32 2.52 16.33
N ALA G 22 -8.29 1.94 15.12
CA ALA G 22 -7.42 0.78 14.79
C ALA G 22 -6.81 0.97 13.41
N SER G 23 -5.66 0.36 13.14
CA SER G 23 -5.10 0.39 11.79
C SER G 23 -5.32 -0.99 11.17
N ILE G 24 -5.50 -1.05 9.86
CA ILE G 24 -5.70 -2.32 9.17
C ILE G 24 -4.64 -2.36 8.07
N TYR G 25 -3.49 -2.94 8.34
CA TYR G 25 -2.60 -3.24 7.22
C TYR G 25 -3.19 -4.36 6.37
N LEU G 26 -2.97 -4.25 5.06
CA LEU G 26 -3.47 -5.18 4.04
C LEU G 26 -2.28 -5.94 3.48
N VAL G 27 -2.59 -7.04 2.78
CA VAL G 27 -1.56 -8.00 2.38
C VAL G 27 -0.66 -7.38 1.34
N ASN G 28 -0.84 -6.11 1.03
CA ASN G 28 0.21 -5.38 0.34
C ASN G 28 0.97 -4.39 1.20
N GLY G 29 0.67 -4.32 2.51
CA GLY G 29 1.33 -3.37 3.38
C GLY G 29 0.71 -1.98 3.40
N ILE G 30 -0.47 -1.81 2.79
CA ILE G 30 -1.21 -0.55 2.87
C ILE G 30 -1.78 -0.43 4.28
N LYS G 31 -1.76 0.79 4.80
CA LYS G 31 -2.36 1.07 6.10
C LYS G 31 -3.73 1.71 5.90
N LEU G 32 -4.78 0.95 6.18
CA LEU G 32 -6.08 1.51 6.52
C LEU G 32 -6.20 1.76 8.02
N GLN G 33 -6.88 2.84 8.42
CA GLN G 33 -7.32 2.95 9.82
C GLN G 33 -8.72 3.60 9.84
N GLY G 34 -9.30 3.68 11.04
CA GLY G 34 -10.66 4.23 11.21
C GLY G 34 -11.34 3.52 12.36
N GLN G 35 -12.57 3.05 12.16
CA GLN G 35 -13.36 2.39 13.24
C GLN G 35 -13.97 1.10 12.71
N ILE G 36 -14.00 0.05 13.52
CA ILE G 36 -14.57 -1.26 13.13
C ILE G 36 -16.07 -1.20 13.36
N GLU G 37 -16.84 -0.77 12.36
CA GLU G 37 -18.29 -0.74 12.46
C GLU G 37 -18.85 -2.13 12.72
N SER G 38 -18.48 -3.11 11.91
CA SER G 38 -19.02 -4.48 12.04
C SER G 38 -18.13 -5.47 11.30
N PHE G 39 -18.32 -6.77 11.54
CA PHE G 39 -17.53 -7.85 10.90
C PHE G 39 -18.44 -9.05 10.64
N ASP G 40 -18.37 -9.65 9.46
CA ASP G 40 -19.16 -10.85 9.10
C ASP G 40 -18.25 -12.05 9.40
N GLN G 41 -17.91 -12.86 8.39
CA GLN G 41 -16.95 -13.97 8.58
C GLN G 41 -15.81 -13.79 7.57
N PHE G 42 -15.98 -12.92 6.58
CA PHE G 42 -14.96 -12.68 5.53
C PHE G 42 -14.80 -11.18 5.26
N VAL G 43 -15.53 -10.32 5.97
CA VAL G 43 -15.52 -8.86 5.71
C VAL G 43 -15.62 -8.05 7.00
N ILE G 44 -14.90 -6.93 7.09
CA ILE G 44 -14.96 -6.00 8.26
C ILE G 44 -15.28 -4.61 7.71
N LEU G 45 -16.44 -4.05 8.06
CA LEU G 45 -16.86 -2.70 7.58
C LEU G 45 -16.04 -1.63 8.32
N LEU G 46 -14.95 -1.14 7.72
CA LEU G 46 -14.06 -0.17 8.37
C LEU G 46 -14.57 1.24 8.06
N LYS G 47 -15.54 1.71 8.83
CA LYS G 47 -16.07 3.07 8.69
C LYS G 47 -15.01 4.18 8.94
N ASN G 48 -15.04 5.20 8.12
CA ASN G 48 -14.05 6.27 8.16
C ASN G 48 -14.88 7.48 7.71
N THR G 49 -14.41 8.20 6.69
CA THR G 49 -15.25 9.19 6.02
C THR G 49 -16.47 8.51 5.35
N VAL G 50 -16.20 7.69 4.34
CA VAL G 50 -17.18 6.73 3.83
C VAL G 50 -16.80 5.34 4.42
N SER G 51 -17.84 4.53 4.63
CA SER G 51 -17.72 3.20 5.21
C SER G 51 -17.40 2.22 4.10
N GLN G 52 -16.14 1.90 3.96
CA GLN G 52 -15.76 0.75 3.15
C GLN G 52 -16.03 -0.57 3.83
N MET G 53 -16.34 -1.58 3.02
CA MET G 53 -16.23 -3.01 3.38
C MET G 53 -14.86 -3.52 2.98
N VAL G 54 -14.04 -3.86 3.98
CA VAL G 54 -12.75 -4.51 3.74
C VAL G 54 -12.98 -6.02 3.75
N TYR G 55 -12.26 -6.74 2.88
CA TYR G 55 -12.32 -8.23 2.85
C TYR G 55 -11.20 -8.73 3.77
N LYS G 56 -11.51 -9.62 4.71
CA LYS G 56 -10.53 -10.12 5.72
C LYS G 56 -9.38 -10.84 5.02
N HIS G 57 -9.59 -11.36 3.81
CA HIS G 57 -8.56 -12.14 3.07
C HIS G 57 -7.40 -11.24 2.63
N ALA G 58 -7.53 -9.92 2.73
CA ALA G 58 -6.48 -8.98 2.32
C ALA G 58 -5.87 -8.22 3.50
N ILE G 59 -6.09 -8.68 4.72
CA ILE G 59 -5.51 -8.03 5.87
C ILE G 59 -4.31 -8.82 6.40
N SER G 60 -3.16 -8.13 6.59
CA SER G 60 -2.07 -8.81 7.27
C SER G 60 -2.29 -8.66 8.77
N THR G 61 -2.44 -7.42 9.27
CA THR G 61 -2.70 -7.20 10.69
C THR G 61 -3.58 -5.98 10.95
N VAL G 62 -4.21 -5.98 12.12
CA VAL G 62 -4.97 -4.82 12.59
C VAL G 62 -4.42 -4.36 13.95
N VAL G 63 -3.51 -3.39 13.93
CA VAL G 63 -3.00 -2.81 15.17
C VAL G 63 -4.07 -1.88 15.78
N PRO G 64 -4.46 -2.09 17.05
CA PRO G 64 -5.16 -1.03 17.78
C PRO G 64 -4.20 0.12 17.98
N SER G 65 -4.75 1.34 17.87
CA SER G 65 -4.00 2.61 18.02
C SER G 65 -3.71 2.87 19.49
N ARG G 66 -4.54 2.33 20.39
CA ARG G 66 -4.34 2.44 21.85
C ARG G 66 -4.73 1.10 22.48
N PRO G 67 -4.05 0.64 23.54
CA PRO G 67 -4.43 -0.59 24.21
C PRO G 67 -5.96 -0.71 24.38
N VAL G 68 -6.50 -1.93 24.33
CA VAL G 68 -7.93 -2.14 24.48
C VAL G 68 -8.26 -2.98 25.71
N GLY H 4 -29.89 -18.19 -9.04
CA GLY H 4 -28.65 -17.42 -9.24
C GLY H 4 -27.54 -17.90 -8.32
N GLN H 5 -27.68 -19.07 -7.71
CA GLN H 5 -26.66 -19.65 -6.79
C GLN H 5 -25.33 -19.69 -7.53
N SER H 6 -25.35 -19.95 -8.84
CA SER H 6 -24.14 -19.96 -9.70
C SER H 6 -24.15 -18.71 -10.58
N LEU H 7 -23.21 -17.78 -10.37
CA LEU H 7 -23.13 -16.52 -11.13
C LEU H 7 -21.82 -16.51 -11.92
N GLN H 8 -21.06 -17.61 -11.88
CA GLN H 8 -19.71 -17.66 -12.51
C GLN H 8 -19.67 -18.68 -13.65
N ASP H 9 -20.24 -19.87 -13.44
CA ASP H 9 -20.25 -20.92 -14.50
C ASP H 9 -20.93 -20.32 -15.73
N PRO H 10 -22.15 -19.75 -15.62
CA PRO H 10 -22.82 -19.16 -16.77
C PRO H 10 -21.95 -18.16 -17.55
N PHE H 11 -21.29 -17.24 -16.87
CA PHE H 11 -20.44 -16.20 -17.51
C PHE H 11 -19.39 -16.87 -18.39
N LEU H 12 -18.82 -18.00 -17.94
CA LEU H 12 -17.73 -18.68 -18.67
C LEU H 12 -18.31 -19.54 -19.79
N ASN H 13 -19.30 -20.38 -19.49
CA ASN H 13 -19.97 -21.23 -20.50
C ASN H 13 -20.44 -20.36 -21.65
N ALA H 14 -20.83 -19.11 -21.39
CA ALA H 14 -21.36 -18.19 -22.41
C ALA H 14 -20.22 -17.57 -23.22
N LEU H 15 -19.06 -17.35 -22.61
CA LEU H 15 -17.87 -16.76 -23.30
C LEU H 15 -17.22 -17.85 -24.17
N ARG H 16 -17.73 -19.09 -24.10
CA ARG H 16 -17.20 -20.21 -24.91
C ARG H 16 -18.23 -20.54 -26.00
N ARG H 17 -19.52 -20.56 -25.67
CA ARG H 17 -20.61 -20.85 -26.64
C ARG H 17 -20.52 -19.87 -27.81
N GLU H 18 -20.41 -18.57 -27.52
CA GLU H 18 -20.39 -17.52 -28.57
C GLU H 18 -18.93 -17.29 -28.98
N ARG H 19 -18.02 -18.13 -28.50
CA ARG H 19 -16.59 -18.02 -28.86
C ARG H 19 -16.19 -16.54 -28.88
N VAL H 20 -16.30 -15.85 -27.75
CA VAL H 20 -15.90 -14.43 -27.63
C VAL H 20 -14.58 -14.37 -26.86
N PRO H 21 -13.56 -13.69 -27.42
CA PRO H 21 -12.27 -13.53 -26.77
C PRO H 21 -12.42 -12.81 -25.44
N ALA H 22 -11.63 -13.19 -24.45
CA ALA H 22 -11.71 -12.59 -23.09
C ALA H 22 -10.32 -12.18 -22.64
N SER H 23 -10.22 -11.23 -21.70
CA SER H 23 -8.94 -10.82 -21.09
C SER H 23 -8.97 -11.27 -19.64
N ILE H 24 -8.01 -12.09 -19.21
CA ILE H 24 -7.95 -12.69 -17.84
C ILE H 24 -6.84 -12.01 -17.08
N TYR H 25 -7.07 -10.81 -16.58
CA TYR H 25 -6.08 -10.07 -15.76
C TYR H 25 -5.79 -10.90 -14.51
N LEU H 26 -4.54 -10.94 -14.07
CA LEU H 26 -4.12 -11.77 -12.92
C LEU H 26 -3.70 -10.87 -11.78
N VAL H 27 -3.42 -11.43 -10.59
CA VAL H 27 -3.02 -10.65 -9.39
C VAL H 27 -1.61 -10.09 -9.54
N ASN H 28 -0.91 -10.39 -10.63
CA ASN H 28 0.49 -9.96 -10.86
C ASN H 28 0.51 -8.76 -11.80
N GLY H 29 -0.61 -8.47 -12.46
CA GLY H 29 -0.72 -7.35 -13.42
C GLY H 29 -0.44 -7.84 -14.83
N ILE H 30 -0.52 -9.15 -15.08
CA ILE H 30 -0.23 -9.77 -16.37
C ILE H 30 -1.57 -10.02 -17.06
N LYS H 31 -1.65 -9.75 -18.36
CA LYS H 31 -2.91 -9.83 -19.09
C LYS H 31 -2.87 -11.03 -20.02
N LEU H 32 -3.73 -12.01 -19.73
CA LEU H 32 -3.93 -13.19 -20.56
C LEU H 32 -5.23 -13.03 -21.35
N GLN H 33 -5.20 -13.24 -22.67
CA GLN H 33 -6.43 -13.22 -23.44
C GLN H 33 -6.43 -14.23 -24.57
N GLY H 34 -7.62 -14.64 -24.96
CA GLY H 34 -7.88 -15.71 -25.90
C GLY H 34 -9.18 -16.39 -25.50
N GLN H 35 -9.41 -17.60 -26.00
CA GLN H 35 -10.74 -18.24 -25.83
C GLN H 35 -10.82 -19.14 -24.59
N ILE H 36 -11.93 -19.07 -23.87
CA ILE H 36 -12.20 -19.97 -22.72
C ILE H 36 -12.59 -21.30 -23.37
N GLU H 37 -11.65 -22.24 -23.46
CA GLU H 37 -11.87 -23.56 -24.11
C GLU H 37 -12.73 -24.42 -23.19
N SER H 38 -12.59 -24.27 -21.87
CA SER H 38 -13.41 -24.98 -20.91
C SER H 38 -12.78 -24.67 -19.55
N PHE H 39 -13.38 -25.14 -18.46
CA PHE H 39 -12.98 -24.71 -17.13
C PHE H 39 -13.52 -25.75 -16.16
N ASP H 40 -13.10 -25.63 -14.89
CA ASP H 40 -13.52 -26.51 -13.81
C ASP H 40 -13.71 -25.71 -12.52
N GLN H 41 -13.47 -26.35 -11.38
CA GLN H 41 -13.57 -25.69 -10.10
C GLN H 41 -12.33 -24.91 -9.74
N PHE H 42 -11.18 -25.15 -10.42
CA PHE H 42 -9.91 -24.51 -10.03
C PHE H 42 -9.14 -23.90 -11.20
N VAL H 43 -9.51 -24.16 -12.45
CA VAL H 43 -8.69 -23.68 -13.61
C VAL H 43 -9.57 -23.31 -14.81
N ILE H 44 -9.18 -22.30 -15.58
CA ILE H 44 -9.87 -21.90 -16.84
C ILE H 44 -8.80 -22.01 -17.94
N LEU H 45 -9.01 -22.87 -18.94
CA LEU H 45 -8.00 -23.12 -20.00
C LEU H 45 -8.09 -22.06 -21.09
N LEU H 46 -7.44 -20.90 -20.90
CA LEU H 46 -7.43 -19.81 -21.90
C LEU H 46 -6.51 -20.23 -23.04
N LYS H 47 -7.02 -21.00 -23.98
CA LYS H 47 -6.26 -21.49 -25.11
C LYS H 47 -6.00 -20.34 -26.10
N ASN H 48 -4.88 -20.45 -26.80
CA ASN H 48 -4.44 -19.44 -27.76
C ASN H 48 -3.56 -20.13 -28.80
N THR H 49 -2.27 -19.75 -28.91
CA THR H 49 -1.34 -20.45 -29.79
C THR H 49 -1.15 -21.91 -29.35
N VAL H 50 -0.87 -22.08 -28.06
CA VAL H 50 -0.78 -23.43 -27.41
C VAL H 50 -1.64 -23.32 -26.17
N SER H 51 -2.70 -24.12 -26.04
CA SER H 51 -3.64 -24.02 -24.90
C SER H 51 -2.88 -23.96 -23.58
N GLN H 52 -3.15 -22.95 -22.74
CA GLN H 52 -2.49 -22.80 -21.41
C GLN H 52 -3.56 -22.88 -20.31
N MET H 53 -3.25 -23.54 -19.19
CA MET H 53 -4.18 -23.68 -18.05
C MET H 53 -3.89 -22.54 -17.07
N VAL H 54 -4.89 -21.70 -16.81
CA VAL H 54 -4.74 -20.53 -15.89
C VAL H 54 -5.44 -20.86 -14.57
N TYR H 55 -4.73 -20.79 -13.45
CA TYR H 55 -5.27 -21.06 -12.13
C TYR H 55 -6.13 -19.91 -11.60
N LYS H 56 -7.35 -20.22 -11.16
CA LYS H 56 -8.33 -19.16 -10.79
C LYS H 56 -7.82 -18.37 -9.58
N HIS H 57 -7.05 -18.99 -8.70
CA HIS H 57 -6.57 -18.33 -7.47
C HIS H 57 -5.57 -17.21 -7.83
N ALA H 58 -5.27 -17.04 -9.11
CA ALA H 58 -4.33 -16.00 -9.59
C ALA H 58 -5.03 -15.06 -10.57
N ILE H 59 -6.36 -15.06 -10.60
CA ILE H 59 -7.15 -14.23 -11.56
C ILE H 59 -7.91 -13.16 -10.78
N SER H 60 -7.82 -11.89 -11.21
CA SER H 60 -8.56 -10.76 -10.59
C SER H 60 -9.89 -10.61 -11.31
N THR H 61 -9.86 -10.34 -12.62
CA THR H 61 -11.09 -10.13 -13.43
C THR H 61 -10.93 -10.70 -14.83
N VAL H 62 -12.02 -11.19 -15.44
CA VAL H 62 -12.02 -11.69 -16.85
C VAL H 62 -12.99 -10.79 -17.63
N VAL H 63 -12.50 -9.99 -18.58
CA VAL H 63 -13.35 -8.98 -19.29
C VAL H 63 -13.59 -9.42 -20.74
N PRO H 64 -14.84 -9.70 -21.14
CA PRO H 64 -15.12 -10.03 -22.54
C PRO H 64 -14.62 -8.89 -23.44
N SER H 65 -13.94 -9.21 -24.54
CA SER H 65 -13.45 -8.20 -25.53
C SER H 65 -14.67 -7.46 -26.12
N ARG H 66 -15.85 -8.07 -26.06
CA ARG H 66 -17.11 -7.48 -26.50
C ARG H 66 -18.20 -8.13 -25.68
N PRO H 67 -19.40 -7.56 -25.72
CA PRO H 67 -20.46 -8.12 -24.88
C PRO H 67 -20.72 -9.61 -25.04
N SER I 6 -25.33 -11.80 8.25
CA SER I 6 -24.07 -11.51 7.52
C SER I 6 -24.11 -10.08 6.98
N LEU I 7 -22.96 -9.43 6.84
CA LEU I 7 -22.86 -8.04 6.35
C LEU I 7 -22.34 -8.07 4.92
N GLN I 8 -22.13 -9.25 4.34
CA GLN I 8 -21.53 -9.38 2.99
C GLN I 8 -22.60 -9.27 1.92
N ASP I 9 -23.60 -10.15 1.93
CA ASP I 9 -24.65 -10.18 0.89
C ASP I 9 -25.47 -8.89 0.95
N PRO I 10 -25.78 -8.32 2.14
CA PRO I 10 -26.49 -7.05 2.25
C PRO I 10 -25.69 -5.88 1.72
N PHE I 11 -24.53 -5.58 2.29
CA PHE I 11 -23.72 -4.42 1.86
C PHE I 11 -23.64 -4.42 0.33
N LEU I 12 -23.64 -5.59 -0.32
CA LEU I 12 -23.51 -5.72 -1.80
C LEU I 12 -24.89 -5.64 -2.46
N ASN I 13 -25.90 -6.31 -1.90
CA ASN I 13 -27.29 -6.31 -2.44
C ASN I 13 -27.83 -4.89 -2.34
N ALA I 14 -27.43 -4.09 -1.34
CA ALA I 14 -27.86 -2.69 -1.12
C ALA I 14 -27.15 -1.75 -2.11
N LEU I 15 -25.88 -2.01 -2.41
CA LEU I 15 -25.11 -1.21 -3.40
C LEU I 15 -25.64 -1.56 -4.79
N ARG I 16 -26.55 -2.53 -4.88
CA ARG I 16 -27.13 -2.97 -6.18
C ARG I 16 -28.57 -2.45 -6.30
N ARG I 17 -29.44 -2.76 -5.33
CA ARG I 17 -30.87 -2.34 -5.37
C ARG I 17 -30.96 -0.83 -5.59
N GLU I 18 -30.01 -0.06 -5.07
CA GLU I 18 -30.03 1.42 -5.16
C GLU I 18 -29.13 1.87 -6.31
N ARG I 19 -28.62 0.93 -7.10
CA ARG I 19 -27.79 1.25 -8.29
C ARG I 19 -26.77 2.32 -7.91
N VAL I 20 -26.06 2.12 -6.80
CA VAL I 20 -25.02 3.08 -6.33
C VAL I 20 -23.67 2.64 -6.90
N PRO I 21 -23.08 3.43 -7.81
CA PRO I 21 -21.78 3.10 -8.38
C PRO I 21 -20.81 2.77 -7.25
N ALA I 22 -19.91 1.80 -7.44
CA ALA I 22 -18.96 1.36 -6.41
C ALA I 22 -17.53 1.54 -6.89
N SER I 23 -16.56 1.59 -5.98
CA SER I 23 -15.12 1.60 -6.30
C SER I 23 -14.60 0.29 -5.72
N ILE I 24 -13.85 -0.50 -6.48
CA ILE I 24 -13.39 -1.86 -6.04
C ILE I 24 -11.87 -1.83 -6.03
N TYR I 25 -11.27 -2.00 -4.85
CA TYR I 25 -9.79 -1.97 -4.69
C TYR I 25 -9.30 -3.41 -4.69
N LEU I 26 -8.39 -3.74 -5.60
CA LEU I 26 -7.86 -5.12 -5.74
C LEU I 26 -6.57 -5.21 -4.94
N VAL I 27 -6.20 -6.41 -4.50
CA VAL I 27 -4.95 -6.64 -3.74
C VAL I 27 -3.77 -6.10 -4.54
N ASN I 28 -3.94 -5.77 -5.82
CA ASN I 28 -2.83 -5.32 -6.65
C ASN I 28 -2.61 -3.80 -6.65
N GLY I 29 -3.53 -3.08 -6.04
CA GLY I 29 -3.51 -1.62 -6.08
C GLY I 29 -4.25 -1.19 -7.34
N ILE I 30 -5.23 -1.97 -7.76
CA ILE I 30 -6.00 -1.69 -8.99
C ILE I 30 -7.41 -1.29 -8.58
N LYS I 31 -7.90 -0.15 -9.06
CA LYS I 31 -9.25 0.34 -8.71
C LYS I 31 -10.22 0.10 -9.86
N LEU I 32 -11.34 -0.57 -9.59
CA LEU I 32 -12.39 -0.83 -10.59
C LEU I 32 -13.64 -0.07 -10.13
N GLN I 33 -14.21 0.83 -10.95
CA GLN I 33 -15.47 1.52 -10.57
C GLN I 33 -16.58 1.16 -11.57
N GLY I 34 -17.56 0.39 -11.11
CA GLY I 34 -18.73 0.03 -11.94
C GLY I 34 -19.99 0.01 -11.10
N GLN I 35 -20.83 -1.00 -11.27
CA GLN I 35 -22.09 -1.12 -10.51
C GLN I 35 -22.33 -2.60 -10.25
N ILE I 36 -22.62 -2.99 -9.01
CA ILE I 36 -22.79 -4.42 -8.64
C ILE I 36 -24.07 -4.91 -9.30
N GLU I 37 -23.96 -5.48 -10.50
CA GLU I 37 -25.14 -6.03 -11.22
C GLU I 37 -25.51 -7.34 -10.52
N SER I 38 -24.52 -8.17 -10.17
CA SER I 38 -24.78 -9.48 -9.51
C SER I 38 -23.55 -9.99 -8.77
N PHE I 39 -23.73 -10.93 -7.84
CA PHE I 39 -22.61 -11.53 -7.07
C PHE I 39 -23.01 -12.92 -6.56
N ASP I 40 -22.05 -13.81 -6.36
CA ASP I 40 -22.30 -15.17 -5.80
C ASP I 40 -21.40 -15.32 -4.56
N GLN I 41 -20.79 -16.49 -4.35
CA GLN I 41 -19.91 -16.75 -3.17
C GLN I 41 -18.45 -16.59 -3.58
N PHE I 42 -18.16 -16.34 -4.86
CA PHE I 42 -16.76 -16.26 -5.36
C PHE I 42 -16.53 -15.04 -6.23
N VAL I 43 -17.49 -14.62 -7.05
CA VAL I 43 -17.26 -13.50 -8.01
C VAL I 43 -18.34 -12.41 -7.85
N ILE I 44 -18.04 -11.18 -8.27
CA ILE I 44 -19.03 -10.07 -8.27
C ILE I 44 -19.01 -9.46 -9.67
N LEU I 45 -20.13 -9.48 -10.39
CA LEU I 45 -20.22 -8.90 -11.75
C LEU I 45 -20.26 -7.38 -11.66
N LEU I 46 -19.17 -6.70 -12.04
CA LEU I 46 -19.09 -5.22 -12.03
C LEU I 46 -19.46 -4.73 -13.42
N LYS I 47 -20.73 -4.37 -13.62
CA LYS I 47 -21.20 -3.85 -14.93
C LYS I 47 -20.61 -2.46 -15.13
N ASN I 48 -20.20 -2.13 -16.35
CA ASN I 48 -19.68 -0.82 -16.71
C ASN I 48 -19.80 -0.66 -18.22
N THR I 49 -18.78 -0.10 -18.87
CA THR I 49 -18.70 -0.19 -20.33
C THR I 49 -18.86 -1.65 -20.79
N VAL I 50 -18.05 -2.56 -20.23
CA VAL I 50 -18.19 -3.99 -20.40
C VAL I 50 -18.47 -4.58 -19.02
N SER I 51 -19.37 -5.56 -18.93
CA SER I 51 -19.67 -6.26 -17.66
C SER I 51 -18.50 -7.19 -17.35
N GLN I 52 -17.80 -6.99 -16.23
CA GLN I 52 -16.60 -7.78 -15.88
C GLN I 52 -16.94 -8.80 -14.79
N MET I 53 -16.14 -9.86 -14.65
CA MET I 53 -16.31 -10.84 -13.55
C MET I 53 -15.05 -10.71 -12.70
N VAL I 54 -15.19 -10.28 -11.44
CA VAL I 54 -14.03 -10.07 -10.52
C VAL I 54 -14.06 -11.17 -9.45
N TYR I 55 -13.00 -11.96 -9.33
CA TYR I 55 -12.90 -12.99 -8.27
C TYR I 55 -12.76 -12.24 -6.94
N LYS I 56 -13.60 -12.55 -5.94
CA LYS I 56 -13.61 -11.82 -4.65
C LYS I 56 -12.27 -12.00 -3.95
N HIS I 57 -11.56 -13.09 -4.26
CA HIS I 57 -10.25 -13.39 -3.59
C HIS I 57 -9.20 -12.38 -4.02
N ALA I 58 -9.52 -11.39 -4.85
CA ALA I 58 -8.55 -10.39 -5.35
C ALA I 58 -8.97 -8.98 -4.95
N ILE I 59 -9.98 -8.82 -4.09
CA ILE I 59 -10.50 -7.48 -3.70
C ILE I 59 -10.04 -7.15 -2.28
N SER I 60 -9.24 -6.08 -2.11
CA SER I 60 -8.80 -5.61 -0.78
C SER I 60 -9.96 -4.91 -0.09
N THR I 61 -10.47 -3.82 -0.66
CA THR I 61 -11.58 -3.03 -0.04
C THR I 61 -12.53 -2.49 -1.11
N VAL I 62 -13.79 -2.26 -0.74
CA VAL I 62 -14.81 -1.69 -1.65
C VAL I 62 -15.42 -0.47 -0.95
N VAL I 63 -15.28 0.72 -1.53
CA VAL I 63 -15.82 1.97 -0.92
C VAL I 63 -16.97 2.48 -1.80
N PRO I 64 -18.24 2.47 -1.33
CA PRO I 64 -19.34 3.01 -2.12
C PRO I 64 -19.11 4.49 -2.46
N SER I 65 -19.61 4.96 -3.60
CA SER I 65 -19.46 6.33 -4.08
C SER I 65 -20.27 7.34 -3.26
N ARG I 66 -21.30 6.86 -2.58
CA ARG I 66 -22.11 7.60 -1.62
C ARG I 66 -22.70 6.58 -0.66
N PRO I 67 -23.06 6.98 0.53
CA PRO I 67 -23.64 6.03 1.49
C PRO I 67 -24.85 5.34 0.89
N VAL I 68 -25.31 4.27 1.53
CA VAL I 68 -26.45 3.54 1.03
C VAL I 68 -27.45 3.18 2.12
N SER J 6 0.12 -33.04 14.46
CA SER J 6 0.10 -31.56 14.61
C SER J 6 1.50 -31.06 14.96
N LEU J 7 1.73 -29.75 14.89
CA LEU J 7 3.08 -29.16 15.15
C LEU J 7 2.99 -27.64 15.23
N GLN J 8 2.16 -27.01 14.39
CA GLN J 8 2.02 -25.53 14.35
C GLN J 8 1.72 -25.02 15.75
N ASP J 9 0.67 -25.56 16.38
CA ASP J 9 0.28 -25.14 17.74
C ASP J 9 1.49 -25.37 18.65
N PRO J 10 1.98 -26.60 18.86
CA PRO J 10 3.11 -26.83 19.75
C PRO J 10 4.20 -25.76 19.66
N PHE J 11 4.67 -25.41 18.47
CA PHE J 11 5.76 -24.43 18.27
C PHE J 11 5.37 -23.09 18.87
N LEU J 12 4.14 -22.64 18.66
CA LEU J 12 3.66 -21.31 19.11
C LEU J 12 3.41 -21.33 20.63
N ASN J 13 2.71 -22.34 21.13
CA ASN J 13 2.40 -22.46 22.58
C ASN J 13 3.72 -22.55 23.36
N ALA J 14 4.82 -22.90 22.70
CA ALA J 14 6.16 -23.03 23.34
C ALA J 14 6.91 -21.71 23.25
N LEU J 15 6.63 -20.89 22.23
CA LEU J 15 7.25 -19.55 22.09
C LEU J 15 6.46 -18.61 23.00
N ARG J 16 5.40 -19.10 23.63
CA ARG J 16 4.53 -18.31 24.53
C ARG J 16 4.88 -18.63 25.99
N ARG J 17 4.83 -19.90 26.40
CA ARG J 17 5.15 -20.32 27.79
C ARG J 17 6.54 -19.82 28.16
N GLU J 18 7.51 -19.94 27.25
CA GLU J 18 8.91 -19.50 27.50
C GLU J 18 8.95 -17.98 27.35
N ARG J 19 7.85 -17.36 26.95
CA ARG J 19 7.77 -15.90 26.74
C ARG J 19 9.08 -15.44 26.08
N VAL J 20 9.28 -15.81 24.82
CA VAL J 20 10.52 -15.46 24.07
C VAL J 20 10.17 -14.45 22.97
N PRO J 21 11.01 -13.44 22.69
CA PRO J 21 10.75 -12.53 21.58
C PRO J 21 10.58 -13.33 20.29
N ALA J 22 9.74 -12.87 19.36
CA ALA J 22 9.45 -13.57 18.09
C ALA J 22 9.54 -12.57 16.94
N SER J 23 9.80 -13.02 15.71
CA SER J 23 9.79 -12.15 14.51
C SER J 23 8.89 -12.80 13.45
N ILE J 24 7.61 -12.44 13.42
CA ILE J 24 6.63 -13.01 12.46
C ILE J 24 6.70 -12.22 11.16
N TYR J 25 7.39 -12.75 10.15
CA TYR J 25 7.52 -12.08 8.83
C TYR J 25 6.20 -12.29 8.07
N LEU J 26 5.88 -11.39 7.13
CA LEU J 26 4.62 -11.46 6.36
C LEU J 26 4.97 -11.77 4.91
N VAL J 27 3.99 -12.14 4.08
CA VAL J 27 4.22 -12.45 2.65
C VAL J 27 4.72 -11.17 1.99
N ASN J 28 4.60 -10.04 2.67
CA ASN J 28 5.01 -8.71 2.13
C ASN J 28 6.48 -8.42 2.47
N GLY J 29 7.09 -9.14 3.41
CA GLY J 29 8.42 -8.77 3.85
C GLY J 29 8.45 -7.76 4.96
N ILE J 30 7.41 -7.64 5.67
CA ILE J 30 7.33 -6.82 6.86
C ILE J 30 7.72 -7.73 8.00
N LYS J 31 8.25 -7.12 9.07
CA LYS J 31 8.72 -7.87 10.24
C LYS J 31 7.91 -7.40 11.43
N LEU J 32 7.01 -8.25 11.93
CA LEU J 32 6.16 -7.93 13.10
C LEU J 32 6.71 -8.72 14.30
N GLN J 33 7.60 -8.13 15.11
CA GLN J 33 8.23 -8.83 16.25
C GLN J 33 7.65 -8.35 17.58
N GLY J 34 7.06 -9.26 18.37
CA GLY J 34 6.53 -8.93 19.71
C GLY J 34 6.57 -10.14 20.63
N GLN J 35 5.42 -10.68 21.01
CA GLN J 35 5.32 -11.87 21.89
C GLN J 35 4.05 -12.65 21.56
N ILE J 36 4.13 -13.98 21.47
CA ILE J 36 2.96 -14.84 21.14
C ILE J 36 2.06 -14.88 22.38
N GLU J 37 1.16 -13.91 22.53
CA GLU J 37 0.23 -13.82 23.67
C GLU J 37 -0.78 -14.97 23.60
N SER J 38 -1.41 -15.17 22.45
CA SER J 38 -2.40 -16.25 22.22
C SER J 38 -2.60 -16.46 20.72
N PHE J 39 -3.36 -17.49 20.31
CA PHE J 39 -3.64 -17.75 18.89
C PHE J 39 -4.86 -18.66 18.75
N ASP J 40 -5.45 -18.74 17.56
CA ASP J 40 -6.59 -19.65 17.27
C ASP J 40 -6.29 -20.35 15.95
N GLN J 41 -7.28 -20.58 15.10
CA GLN J 41 -7.06 -21.21 13.79
C GLN J 41 -6.60 -20.25 12.71
N PHE J 42 -7.07 -18.99 12.73
CA PHE J 42 -6.81 -18.06 11.60
C PHE J 42 -5.93 -16.87 11.99
N VAL J 43 -5.67 -16.62 13.28
CA VAL J 43 -4.91 -15.41 13.70
C VAL J 43 -3.99 -15.70 14.89
N ILE J 44 -2.94 -14.89 15.06
CA ILE J 44 -2.00 -14.99 16.22
C ILE J 44 -1.95 -13.58 16.85
N LEU J 45 -2.14 -13.45 18.16
CA LEU J 45 -2.20 -12.12 18.84
C LEU J 45 -0.82 -11.74 19.37
N LEU J 46 -0.06 -10.95 18.60
CA LEU J 46 1.31 -10.52 18.98
C LEU J 46 1.21 -9.34 19.94
N LYS J 47 1.74 -9.47 21.16
CA LYS J 47 1.65 -8.41 22.19
C LYS J 47 2.97 -7.66 22.31
N ASN J 48 2.96 -6.34 22.15
CA ASN J 48 4.15 -5.47 22.32
C ASN J 48 3.65 -4.23 23.07
N THR J 49 3.56 -3.07 22.43
CA THR J 49 2.98 -1.85 23.04
C THR J 49 1.48 -2.11 23.18
N VAL J 50 0.86 -2.74 22.19
CA VAL J 50 -0.57 -3.14 22.22
C VAL J 50 -0.65 -4.54 21.61
N SER J 51 -1.71 -5.30 21.87
CA SER J 51 -1.91 -6.64 21.28
C SER J 51 -2.50 -6.50 19.88
N GLN J 52 -1.73 -6.78 18.83
CA GLN J 52 -2.18 -6.64 17.42
C GLN J 52 -2.66 -7.99 16.89
N MET J 53 -3.78 -8.02 16.16
CA MET J 53 -4.32 -9.27 15.56
C MET J 53 -3.71 -9.42 14.17
N VAL J 54 -2.77 -10.34 14.02
CA VAL J 54 -2.11 -10.62 12.75
C VAL J 54 -2.81 -11.83 12.17
N TYR J 55 -3.06 -11.83 10.86
CA TYR J 55 -3.73 -12.95 10.15
C TYR J 55 -2.66 -13.94 9.65
N LYS J 56 -2.80 -15.22 9.98
CA LYS J 56 -1.80 -16.26 9.62
C LYS J 56 -1.72 -16.37 8.10
N HIS J 57 -2.81 -16.07 7.40
CA HIS J 57 -2.87 -16.16 5.92
C HIS J 57 -1.97 -15.09 5.30
N ALA J 58 -1.28 -14.29 6.11
CA ALA J 58 -0.35 -13.26 5.63
C ALA J 58 1.03 -13.48 6.26
N ILE J 59 1.22 -14.60 6.95
CA ILE J 59 2.52 -14.90 7.65
C ILE J 59 3.37 -15.82 6.78
N SER J 60 4.64 -15.49 6.60
CA SER J 60 5.60 -16.33 5.84
C SER J 60 6.39 -17.17 6.85
N THR J 61 7.24 -16.53 7.67
CA THR J 61 8.12 -17.26 8.62
C THR J 61 8.17 -16.63 10.02
N VAL J 62 8.06 -17.42 11.07
CA VAL J 62 8.13 -17.11 12.50
C VAL J 62 9.45 -17.63 13.11
N VAL J 63 10.44 -16.76 13.15
CA VAL J 63 11.76 -17.09 13.65
C VAL J 63 11.79 -16.71 15.14
N PRO J 64 11.84 -17.66 16.07
CA PRO J 64 12.10 -17.29 17.47
C PRO J 64 13.42 -16.52 17.55
N SER J 65 13.45 -15.48 18.38
CA SER J 65 14.63 -14.60 18.51
C SER J 65 15.74 -15.35 19.25
N ARG J 66 15.39 -16.48 19.86
CA ARG J 66 16.38 -17.35 20.55
C ARG J 66 15.79 -18.76 20.61
N PRO J 67 16.62 -19.81 20.69
CA PRO J 67 16.11 -21.18 20.67
C PRO J 67 15.01 -21.41 21.72
N VAL J 68 14.23 -22.48 21.59
CA VAL J 68 13.13 -22.81 22.55
C VAL J 68 13.26 -24.27 23.00
N SER J 69 12.96 -24.57 24.27
CA SER J 69 13.09 -25.88 24.88
C SER J 69 11.88 -26.75 24.59
N HIS J 70 12.06 -28.07 24.80
CA HIS J 70 11.07 -29.07 24.41
C HIS J 70 10.59 -28.74 23.00
N HIS J 71 11.53 -28.43 22.09
CA HIS J 71 11.26 -28.28 20.67
C HIS J 71 11.31 -29.60 19.92
N SER J 72 11.40 -30.72 20.65
CA SER J 72 11.43 -32.09 20.08
C SER J 72 10.18 -32.33 19.25
N ASN J 73 10.23 -32.07 17.94
CA ASN J 73 9.08 -32.27 17.02
C ASN J 73 9.16 -33.67 16.41
N SER K 6 0.03 -38.28 -3.14
CA SER K 6 0.35 -37.27 -2.10
C SER K 6 1.86 -37.04 -2.06
N LEU K 7 2.42 -36.32 -3.03
CA LEU K 7 3.87 -36.06 -3.13
C LEU K 7 4.30 -35.10 -2.02
N GLN K 8 3.34 -34.45 -1.36
CA GLN K 8 3.63 -33.43 -0.30
C GLN K 8 4.47 -34.04 0.80
N ASP K 9 4.07 -35.18 1.36
CA ASP K 9 4.78 -35.80 2.51
C ASP K 9 6.01 -36.57 2.03
N PRO K 10 5.93 -37.50 1.06
CA PRO K 10 7.05 -38.30 0.60
C PRO K 10 8.29 -37.48 0.25
N PHE K 11 8.15 -36.40 -0.52
CA PHE K 11 9.30 -35.57 -0.96
C PHE K 11 9.90 -34.89 0.26
N LEU K 12 9.06 -34.47 1.21
CA LEU K 12 9.54 -33.74 2.41
C LEU K 12 10.25 -34.73 3.34
N ASN K 13 9.58 -35.79 3.73
CA ASN K 13 10.18 -36.83 4.61
C ASN K 13 11.54 -37.16 4.03
N ALA K 14 11.62 -37.37 2.72
CA ALA K 14 12.87 -37.74 2.04
C ALA K 14 14.00 -36.84 2.48
N LEU K 15 14.01 -35.58 2.05
CA LEU K 15 15.13 -34.65 2.35
C LEU K 15 15.41 -34.65 3.85
N ARG K 16 14.45 -35.02 4.70
CA ARG K 16 14.63 -35.08 6.17
C ARG K 16 15.49 -36.31 6.51
N ARG K 17 15.20 -37.49 5.94
CA ARG K 17 15.95 -38.74 6.19
C ARG K 17 17.40 -38.57 5.72
N GLU K 18 17.62 -37.94 4.58
CA GLU K 18 18.98 -37.76 4.00
C GLU K 18 19.51 -36.41 4.46
N ARG K 19 18.76 -35.73 5.32
CA ARG K 19 19.16 -34.41 5.86
C ARG K 19 19.90 -33.66 4.75
N VAL K 20 19.24 -33.43 3.63
CA VAL K 20 19.83 -32.70 2.48
C VAL K 20 19.55 -31.21 2.69
N PRO K 21 20.55 -30.33 2.56
CA PRO K 21 20.26 -28.89 2.58
C PRO K 21 19.19 -28.61 1.51
N ALA K 22 18.25 -27.71 1.79
CA ALA K 22 17.16 -27.35 0.84
C ALA K 22 17.08 -25.84 0.70
N SER K 23 16.39 -25.33 -0.33
CA SER K 23 16.17 -23.89 -0.52
C SER K 23 14.67 -23.64 -0.67
N ILE K 24 13.98 -23.32 0.42
CA ILE K 24 12.52 -23.04 0.41
C ILE K 24 12.34 -21.59 -0.05
N TYR K 25 11.89 -21.39 -1.29
CA TYR K 25 11.67 -20.04 -1.87
C TYR K 25 10.27 -19.57 -1.48
N LEU K 26 10.10 -18.31 -1.12
CA LEU K 26 8.81 -17.80 -0.64
C LEU K 26 8.13 -17.12 -1.83
N VAL K 27 6.81 -16.93 -1.77
CA VAL K 27 6.05 -16.34 -2.91
C VAL K 27 6.62 -14.97 -3.24
N ASN K 28 7.44 -14.38 -2.38
CA ASN K 28 8.02 -13.03 -2.57
C ASN K 28 9.48 -13.09 -2.99
N GLY K 29 9.96 -14.18 -3.60
CA GLY K 29 11.32 -14.23 -4.09
C GLY K 29 12.38 -14.39 -3.02
N ILE K 30 11.94 -14.67 -1.79
CA ILE K 30 12.81 -14.76 -0.62
C ILE K 30 13.29 -16.19 -0.52
N LYS K 31 14.58 -16.38 -0.30
CA LYS K 31 15.19 -17.71 -0.39
C LYS K 31 15.62 -18.14 1.02
N LEU K 32 14.81 -19.02 1.63
CA LEU K 32 15.10 -19.54 2.98
C LEU K 32 15.90 -20.84 2.84
N GLN K 33 17.23 -20.77 2.88
CA GLN K 33 18.11 -21.97 2.79
C GLN K 33 18.31 -22.53 4.20
N GLY K 34 18.04 -23.83 4.41
CA GLY K 34 18.21 -24.48 5.71
C GLY K 34 18.13 -25.99 5.60
N GLN K 35 17.40 -26.64 6.52
CA GLN K 35 17.21 -28.12 6.51
C GLN K 35 15.83 -28.43 7.11
N ILE K 36 15.09 -29.39 6.53
CA ILE K 36 13.71 -29.72 6.98
C ILE K 36 13.78 -30.66 8.18
N GLU K 37 13.42 -30.16 9.36
CA GLU K 37 13.43 -30.95 10.62
C GLU K 37 12.13 -31.73 10.71
N SER K 38 11.00 -31.14 10.33
CA SER K 38 9.67 -31.80 10.34
C SER K 38 8.70 -30.97 9.50
N PHE K 39 7.51 -31.49 9.22
CA PHE K 39 6.48 -30.76 8.43
C PHE K 39 5.11 -31.33 8.78
N ASP K 40 4.08 -30.48 8.80
CA ASP K 40 2.68 -30.91 9.08
C ASP K 40 1.81 -30.40 7.92
N GLN K 41 0.50 -30.49 8.03
CA GLN K 41 -0.43 -30.12 6.93
C GLN K 41 -0.18 -28.70 6.42
N PHE K 42 0.24 -27.75 7.27
CA PHE K 42 0.35 -26.32 6.85
C PHE K 42 1.71 -25.67 7.14
N VAL K 43 2.72 -26.38 7.63
CA VAL K 43 4.01 -25.71 8.01
C VAL K 43 5.20 -26.67 7.92
N ILE K 44 6.36 -26.17 7.47
CA ILE K 44 7.63 -26.96 7.40
C ILE K 44 8.64 -26.23 8.29
N LEU K 45 9.38 -26.94 9.14
CA LEU K 45 10.29 -26.32 10.12
C LEU K 45 11.72 -26.34 9.57
N LEU K 46 12.13 -25.27 8.88
CA LEU K 46 13.50 -25.15 8.32
C LEU K 46 14.45 -24.76 9.46
N LYS K 47 15.28 -25.68 9.93
CA LYS K 47 16.21 -25.43 11.07
C LYS K 47 17.54 -24.90 10.53
N ASN K 48 18.02 -23.78 11.07
CA ASN K 48 19.33 -23.18 10.70
C ASN K 48 20.00 -22.81 12.02
N THR K 49 20.25 -21.53 12.30
CA THR K 49 20.77 -21.09 13.62
C THR K 49 19.62 -21.30 14.62
N VAL K 50 18.38 -21.04 14.19
CA VAL K 50 17.17 -21.26 15.01
C VAL K 50 16.13 -21.95 14.13
N SER K 51 15.33 -22.86 14.68
CA SER K 51 14.24 -23.54 13.93
C SER K 51 13.17 -22.51 13.59
N GLN K 52 12.94 -22.23 12.30
CA GLN K 52 11.92 -21.23 11.86
C GLN K 52 10.77 -21.96 11.19
N MET K 53 9.55 -21.81 11.71
CA MET K 53 8.33 -22.43 11.11
C MET K 53 7.93 -21.61 9.90
N VAL K 54 7.90 -22.22 8.70
CA VAL K 54 7.54 -21.54 7.43
C VAL K 54 6.16 -22.04 7.01
N TYR K 55 5.19 -21.13 6.83
CA TYR K 55 3.81 -21.49 6.40
C TYR K 55 3.87 -21.96 4.94
N LYS K 56 3.37 -23.16 4.66
CA LYS K 56 3.43 -23.74 3.29
C LYS K 56 2.70 -22.80 2.32
N HIS K 57 1.70 -22.05 2.80
CA HIS K 57 0.88 -21.16 1.95
C HIS K 57 1.68 -19.91 1.54
N ALA K 58 2.96 -19.83 1.89
CA ALA K 58 3.83 -18.69 1.54
C ALA K 58 5.02 -19.18 0.71
N ILE K 59 5.01 -20.45 0.27
CA ILE K 59 6.17 -21.04 -0.43
C ILE K 59 5.84 -21.25 -1.91
N SER K 60 6.61 -20.64 -2.82
CA SER K 60 6.45 -20.84 -4.28
C SER K 60 7.01 -22.22 -4.59
N THR K 61 8.33 -22.44 -4.41
CA THR K 61 9.00 -23.73 -4.76
C THR K 61 10.14 -24.08 -3.81
N VAL K 62 10.30 -25.37 -3.48
CA VAL K 62 11.42 -25.89 -2.63
C VAL K 62 12.40 -26.63 -3.55
N VAL K 63 13.70 -26.38 -3.42
CA VAL K 63 14.72 -26.98 -4.34
C VAL K 63 15.87 -27.62 -3.56
N PRO K 64 16.11 -28.95 -3.65
CA PRO K 64 17.26 -29.60 -3.03
C PRO K 64 18.55 -29.15 -3.67
N SER K 65 19.64 -29.25 -2.86
CA SER K 65 20.97 -28.79 -3.31
C SER K 65 21.85 -29.95 -3.89
N ARG K 66 21.31 -31.16 -3.97
CA ARG K 66 22.01 -32.30 -4.45
C ARG K 66 20.85 -33.24 -4.65
N PRO K 67 20.80 -33.98 -5.77
CA PRO K 67 19.74 -34.95 -5.97
C PRO K 67 19.50 -35.73 -4.67
N VAL K 68 18.24 -36.01 -4.33
CA VAL K 68 17.87 -36.73 -3.08
C VAL K 68 17.25 -38.07 -3.46
N SER K 69 17.60 -39.16 -2.76
CA SER K 69 17.06 -40.51 -3.03
C SER K 69 15.89 -40.79 -2.07
N GLY L 4 -15.89 -35.45 -17.12
CA GLY L 4 -15.61 -34.03 -17.21
C GLY L 4 -15.88 -33.31 -15.90
N GLN L 5 -14.99 -33.48 -14.92
CA GLN L 5 -15.11 -32.83 -13.61
C GLN L 5 -13.78 -32.35 -13.04
N SER L 6 -12.70 -33.10 -13.28
CA SER L 6 -11.32 -32.71 -12.88
C SER L 6 -10.55 -32.36 -14.15
N LEU L 7 -10.15 -31.10 -14.32
CA LEU L 7 -9.47 -30.62 -15.56
C LEU L 7 -8.01 -30.29 -15.23
N GLN L 8 -7.60 -30.38 -13.97
CA GLN L 8 -6.20 -30.05 -13.56
C GLN L 8 -5.36 -31.32 -13.74
N ASP L 9 -5.89 -32.49 -13.38
CA ASP L 9 -5.16 -33.77 -13.48
C ASP L 9 -5.05 -34.24 -14.95
N PRO L 10 -6.05 -34.10 -15.84
CA PRO L 10 -5.88 -34.56 -17.21
C PRO L 10 -4.81 -33.79 -18.00
N PHE L 11 -4.89 -32.47 -18.06
CA PHE L 11 -3.95 -31.61 -18.83
C PHE L 11 -2.53 -31.93 -18.42
N LEU L 12 -2.27 -32.10 -17.11
CA LEU L 12 -0.91 -32.36 -16.59
C LEU L 12 -0.48 -33.78 -16.97
N ASN L 13 -1.31 -34.78 -16.68
CA ASN L 13 -0.99 -36.21 -16.97
C ASN L 13 -0.63 -36.34 -18.44
N ALA L 14 -1.32 -35.64 -19.33
CA ALA L 14 -1.12 -35.74 -20.79
C ALA L 14 0.08 -34.89 -21.20
N LEU L 15 0.57 -34.02 -20.32
CA LEU L 15 1.82 -33.27 -20.57
C LEU L 15 2.94 -34.14 -20.01
N ARG L 16 2.58 -35.27 -19.40
CA ARG L 16 3.54 -36.25 -18.84
C ARG L 16 3.53 -37.49 -19.72
N ARG L 17 2.44 -37.79 -20.42
CA ARG L 17 2.42 -38.92 -21.39
C ARG L 17 3.76 -38.88 -22.09
N GLU L 18 4.10 -37.79 -22.78
CA GLU L 18 5.47 -37.64 -23.37
C GLU L 18 6.11 -36.35 -22.84
N ARG L 19 7.43 -36.22 -23.00
CA ARG L 19 8.17 -35.02 -22.52
C ARG L 19 7.80 -33.84 -23.41
N VAL L 20 6.72 -33.15 -23.08
CA VAL L 20 6.33 -31.92 -23.84
C VAL L 20 6.68 -30.77 -22.91
N PRO L 21 7.95 -30.30 -22.89
CA PRO L 21 8.37 -29.20 -22.03
C PRO L 21 7.29 -28.17 -21.70
N ALA L 22 7.25 -27.67 -20.46
CA ALA L 22 6.24 -26.69 -19.99
C ALA L 22 6.92 -25.51 -19.31
N SER L 23 6.20 -24.42 -19.07
CA SER L 23 6.71 -23.24 -18.35
C SER L 23 5.73 -22.89 -17.24
N ILE L 24 5.93 -23.41 -16.02
CA ILE L 24 5.05 -23.10 -14.86
C ILE L 24 5.34 -21.66 -14.45
N TYR L 25 4.34 -20.78 -14.51
CA TYR L 25 4.50 -19.35 -14.17
C TYR L 25 4.00 -19.12 -12.75
N LEU L 26 4.68 -18.26 -11.99
CA LEU L 26 4.35 -18.01 -10.57
C LEU L 26 3.69 -16.64 -10.40
N VAL L 27 2.90 -16.46 -9.34
CA VAL L 27 2.16 -15.19 -9.07
C VAL L 27 3.14 -14.04 -8.88
N ASN L 28 4.44 -14.30 -8.80
CA ASN L 28 5.49 -13.26 -8.63
C ASN L 28 6.16 -13.01 -9.97
N GLY L 29 5.50 -13.34 -11.08
CA GLY L 29 6.06 -13.14 -12.43
C GLY L 29 7.31 -13.98 -12.65
N ILE L 30 7.39 -15.16 -12.05
CA ILE L 30 8.57 -16.07 -12.18
C ILE L 30 8.23 -17.17 -13.17
N LYS L 31 9.23 -17.72 -13.86
CA LYS L 31 9.03 -18.78 -14.88
C LYS L 31 9.79 -20.05 -14.49
N LEU L 32 9.09 -21.02 -13.91
CA LEU L 32 9.70 -22.34 -13.55
C LEU L 32 9.49 -23.26 -14.76
N GLN L 33 10.52 -23.46 -15.59
CA GLN L 33 10.41 -24.27 -16.83
C GLN L 33 11.11 -25.61 -16.65
N GLY L 34 10.64 -26.65 -17.35
CA GLY L 34 11.20 -28.01 -17.25
C GLY L 34 10.23 -29.04 -17.77
N GLN L 35 10.13 -30.18 -17.09
CA GLN L 35 9.20 -31.27 -17.48
C GLN L 35 8.35 -31.65 -16.27
N ILE L 36 7.04 -31.83 -16.46
CA ILE L 36 6.13 -32.26 -15.37
C ILE L 36 6.46 -33.71 -15.03
N GLU L 37 7.06 -33.96 -13.87
CA GLU L 37 7.46 -35.32 -13.45
C GLU L 37 6.29 -35.99 -12.74
N SER L 38 5.58 -35.29 -11.85
CA SER L 38 4.40 -35.86 -11.15
C SER L 38 3.60 -34.75 -10.47
N PHE L 39 2.52 -35.09 -9.75
CA PHE L 39 1.67 -34.10 -9.07
C PHE L 39 0.63 -34.81 -8.19
N ASP L 40 0.07 -34.11 -7.21
CA ASP L 40 -0.99 -34.67 -6.32
C ASP L 40 -2.16 -33.70 -6.37
N GLN L 41 -2.58 -33.14 -5.25
CA GLN L 41 -3.68 -32.15 -5.18
C GLN L 41 -3.12 -30.82 -4.71
N PHE L 42 -1.82 -30.74 -4.43
CA PHE L 42 -1.20 -29.51 -3.88
C PHE L 42 0.09 -29.13 -4.63
N VAL L 43 0.87 -30.10 -5.10
CA VAL L 43 2.19 -29.78 -5.74
C VAL L 43 2.36 -30.50 -7.08
N ILE L 44 3.23 -29.97 -7.94
CA ILE L 44 3.57 -30.60 -9.24
C ILE L 44 5.10 -30.57 -9.30
N LEU L 45 5.75 -31.73 -9.39
CA LEU L 45 7.24 -31.82 -9.37
C LEU L 45 7.78 -31.50 -10.77
N LEU L 46 8.41 -30.35 -10.95
CA LEU L 46 8.95 -29.92 -12.28
C LEU L 46 10.46 -30.18 -12.26
N LYS L 47 10.93 -31.18 -13.00
CA LYS L 47 12.37 -31.56 -12.96
C LYS L 47 13.13 -30.89 -14.11
N ASN L 48 14.28 -30.29 -13.82
CA ASN L 48 15.17 -29.69 -14.84
C ASN L 48 16.59 -30.19 -14.53
N THR L 49 17.37 -29.47 -13.72
CA THR L 49 18.72 -29.92 -13.28
C THR L 49 18.49 -30.84 -12.08
N VAL L 50 17.56 -30.48 -11.19
CA VAL L 50 17.17 -31.32 -10.03
C VAL L 50 15.66 -31.20 -9.90
N SER L 51 14.97 -32.24 -9.44
CA SER L 51 13.49 -32.22 -9.30
C SER L 51 13.11 -31.20 -8.23
N GLN L 52 12.40 -30.14 -8.60
CA GLN L 52 11.92 -29.10 -7.65
C GLN L 52 10.42 -29.30 -7.46
N MET L 53 9.92 -29.19 -6.22
CA MET L 53 8.48 -29.33 -5.90
C MET L 53 7.83 -27.94 -5.91
N VAL L 54 6.96 -27.65 -6.87
CA VAL L 54 6.26 -26.34 -6.98
C VAL L 54 4.89 -26.49 -6.32
N TYR L 55 4.44 -25.48 -5.56
CA TYR L 55 3.12 -25.49 -4.87
C TYR L 55 2.08 -24.90 -5.80
N LYS L 56 0.91 -25.51 -5.92
CA LYS L 56 -0.11 -25.05 -6.91
C LYS L 56 -0.74 -23.73 -6.45
N HIS L 57 -0.55 -23.32 -5.19
CA HIS L 57 -1.17 -22.09 -4.63
C HIS L 57 -0.33 -20.88 -5.03
N ALA L 58 0.76 -21.08 -5.77
CA ALA L 58 1.63 -19.98 -6.25
C ALA L 58 1.79 -20.09 -7.77
N ILE L 59 0.94 -20.88 -8.43
CA ILE L 59 1.00 -21.07 -9.91
C ILE L 59 -0.08 -20.18 -10.56
N SER L 60 0.27 -19.41 -11.58
CA SER L 60 -0.67 -18.51 -12.29
C SER L 60 -1.09 -19.16 -13.62
N THR L 61 -0.15 -19.60 -14.45
CA THR L 61 -0.44 -20.21 -15.78
C THR L 61 0.59 -21.28 -16.12
N VAL L 62 0.16 -22.38 -16.75
CA VAL L 62 1.07 -23.48 -17.19
C VAL L 62 1.05 -23.53 -18.72
N VAL L 63 1.98 -22.86 -19.38
CA VAL L 63 2.00 -22.77 -20.88
C VAL L 63 2.84 -23.91 -21.45
N PRO L 64 2.28 -24.80 -22.30
CA PRO L 64 3.06 -25.84 -22.95
C PRO L 64 4.05 -25.21 -23.94
N SER L 65 5.10 -25.93 -24.33
CA SER L 65 6.14 -25.44 -25.28
C SER L 65 5.72 -25.82 -26.70
N ARG L 66 4.79 -26.76 -26.85
CA ARG L 66 4.25 -27.19 -28.13
C ARG L 66 2.86 -27.74 -27.88
N PRO L 67 1.94 -27.51 -28.77
CA PRO L 67 0.62 -28.11 -28.56
C PRO L 67 0.76 -29.55 -28.05
N VAL L 68 -0.23 -30.07 -27.33
CA VAL L 68 -0.25 -31.45 -26.87
C VAL L 68 -1.53 -32.13 -27.37
N SER L 69 -1.43 -33.44 -27.59
CA SER L 69 -2.56 -34.22 -28.09
C SER L 69 -3.30 -34.92 -26.97
N HIS L 70 -4.57 -35.22 -27.22
CA HIS L 70 -5.41 -35.93 -26.26
C HIS L 70 -5.72 -37.37 -26.69
N HIS L 71 -4.83 -37.97 -27.47
CA HIS L 71 -4.96 -39.31 -28.04
C HIS L 71 -6.37 -39.90 -27.94
#